data_1MZ5
#
_entry.id   1MZ5
#
_cell.length_a   76.150
_cell.length_b   93.410
_cell.length_c   105.480
_cell.angle_alpha   90.00
_cell.angle_beta   90.00
_cell.angle_gamma   90.00
#
_symmetry.space_group_name_H-M   'P 21 21 21'
#
loop_
_entity.id
_entity.type
_entity.pdbx_description
1 polymer sialidase
2 non-polymer 2-acetamido-2-deoxy-beta-D-glucopyranose
3 water water
#
_entity_poly.entity_id   1
_entity_poly.type   'polypeptide(L)'
_entity_poly.pdbx_seq_one_letter_code
;LAPGSSRVELFKRKNSTVPFEESNGTIRERVVHSFRIPTIVNVDGVMVATADARYETSFDNSFIETAVKYSVDDGATWNT
QIAIKNSRASSVSRVMDATVIVKGNKLYILVGSFNKTRNSWTQHRDGSDWEPLLVVGEVTKSAANGKTTATISWGKPVSL
KPLFPAEFDGILTKEFVGGVGAAIVGSNGNLVYPVQIADMGGRVFTKIMYSEDDGNTWKFAEGRSKFGCSEPAVLEWEGK
LIINNRVDGNRRLVYESSDMGKTWVEALGTLSHVWTNSPTSNQQDCQSSFVAVTIEGKRVMLFTHPLNLKGRWMRDRLHL
WMTDNQRIFDVGQISIGDENSGYSSVLYKDDKLYSLHEINTNDVYSLVFVRFIGELQLMKSVVRTWKEEDNHLASICTPV
VPATPPSKGGCGAAVPTAGLVGFLSHSANGSVWEDVYRCVDANVANAERVPNGLKFNGVGGGAVWPVARQGQTRRYQFAN
YRFTLVATVTIDELPKGTSPLLGAGLEGPGDAKLLGLSYDKNRQWRPLYGAAPASPTGSWELHKKYHVVLTMADRQGSVY
VDGQPLAGSGNTVVRGATLPDISHFYIGGPRSKGAPTDSRVTVTNIVLYNRRLNSSEIRTLFLSQDMIGTDGGAGTAA
;
_entity_poly.pdbx_strand_id   A
#
loop_
_chem_comp.id
_chem_comp.type
_chem_comp.name
_chem_comp.formula
NAG D-saccharide, beta linking 2-acetamido-2-deoxy-beta-D-glucopyranose 'C8 H15 N O6'
#
# COMPACT_ATOMS: atom_id res chain seq x y z
N LEU A 1 6.17 -2.89 -18.29
CA LEU A 1 4.95 -2.22 -18.82
C LEU A 1 4.12 -3.31 -19.47
N ALA A 2 2.82 -3.28 -19.28
CA ALA A 2 1.94 -4.36 -19.76
C ALA A 2 1.78 -4.37 -21.29
N PRO A 3 1.55 -5.53 -21.86
CA PRO A 3 1.27 -5.57 -23.30
C PRO A 3 0.05 -4.70 -23.59
N GLY A 4 0.12 -3.91 -24.66
CA GLY A 4 -1.00 -3.04 -25.00
C GLY A 4 -0.77 -1.64 -24.44
N SER A 5 0.08 -1.48 -23.44
CA SER A 5 0.30 -0.14 -22.91
C SER A 5 1.42 0.53 -23.69
N SER A 6 1.63 1.81 -23.43
CA SER A 6 2.68 2.55 -24.12
C SER A 6 2.96 3.87 -23.41
N ARG A 7 4.06 4.53 -23.80
CA ARG A 7 4.47 5.76 -23.18
C ARG A 7 5.28 6.66 -24.14
N VAL A 8 5.46 7.92 -23.76
CA VAL A 8 6.26 8.88 -24.49
C VAL A 8 7.11 9.57 -23.44
N GLU A 9 8.27 10.04 -23.87
CA GLU A 9 9.18 10.75 -23.00
C GLU A 9 8.69 12.19 -23.01
N LEU A 10 7.74 12.50 -22.15
CA LEU A 10 7.11 13.83 -22.12
C LEU A 10 8.01 15.02 -21.64
N PHE A 11 8.78 14.83 -20.58
CA PHE A 11 9.76 15.78 -20.12
C PHE A 11 11.08 15.10 -20.42
N LYS A 12 11.71 15.48 -21.52
CA LYS A 12 12.89 14.78 -22.00
C LYS A 12 14.17 15.50 -21.61
N ARG A 13 14.99 14.81 -20.80
CA ARG A 13 16.28 15.33 -20.37
C ARG A 13 17.08 15.99 -21.53
N LYS A 14 17.84 17.05 -21.24
CA LYS A 14 18.69 17.71 -22.24
C LYS A 14 18.03 17.79 -23.62
N ASN A 15 16.76 18.16 -23.65
CA ASN A 15 16.01 18.19 -24.90
C ASN A 15 14.81 19.08 -24.70
N SER A 16 13.88 18.67 -23.85
CA SER A 16 12.71 19.53 -23.61
C SER A 16 13.07 20.87 -23.00
N THR A 17 12.48 21.88 -23.57
CA THR A 17 12.75 23.25 -23.25
C THR A 17 11.66 23.81 -22.36
N VAL A 18 12.00 24.74 -21.47
CA VAL A 18 10.99 25.43 -20.66
C VAL A 18 11.21 26.95 -20.79
N PRO A 19 10.14 27.74 -20.69
CA PRO A 19 10.27 29.19 -20.86
C PRO A 19 10.85 29.87 -19.64
N PHE A 20 12.17 29.91 -19.57
CA PHE A 20 12.86 30.58 -18.49
C PHE A 20 12.70 32.11 -18.53
N GLU A 21 12.31 32.70 -17.41
CA GLU A 21 12.14 34.15 -17.37
C GLU A 21 13.35 34.79 -16.76
N GLU A 22 14.09 35.50 -17.60
CA GLU A 22 15.31 36.15 -17.17
C GLU A 22 14.94 37.25 -16.16
N SER A 23 15.89 37.68 -15.35
CA SER A 23 15.64 38.70 -14.32
C SER A 23 15.00 39.99 -14.85
N ASN A 24 15.13 40.27 -16.14
CA ASN A 24 14.59 41.51 -16.67
C ASN A 24 13.24 41.33 -17.35
N GLY A 25 12.64 40.17 -17.15
CA GLY A 25 11.36 39.93 -17.74
C GLY A 25 11.45 39.18 -19.06
N THR A 26 12.57 39.30 -19.77
CA THR A 26 12.72 38.59 -21.04
C THR A 26 12.65 37.05 -20.83
N ILE A 27 12.03 36.36 -21.78
CA ILE A 27 11.82 34.93 -21.66
C ILE A 27 12.52 34.12 -22.75
N ARG A 28 13.30 33.15 -22.32
CA ARG A 28 14.04 32.34 -23.26
C ARG A 28 13.74 30.87 -23.05
N GLU A 29 13.68 30.13 -24.16
CA GLU A 29 13.49 28.71 -24.10
C GLU A 29 14.83 28.07 -23.75
N ARG A 30 14.93 27.53 -22.54
CA ARG A 30 16.15 27.00 -21.99
C ARG A 30 16.10 25.48 -21.78
N VAL A 31 17.14 24.78 -22.22
CA VAL A 31 17.19 23.34 -22.08
C VAL A 31 17.35 22.99 -20.62
N VAL A 32 16.88 21.82 -20.25
CA VAL A 32 16.92 21.38 -18.85
C VAL A 32 17.56 20.04 -18.70
N HIS A 33 18.57 19.94 -17.87
CA HIS A 33 19.31 18.70 -17.65
C HIS A 33 18.43 17.50 -17.22
N SER A 34 17.71 17.63 -16.13
CA SER A 34 16.89 16.53 -15.64
C SER A 34 15.54 17.05 -15.18
N PHE A 35 14.50 16.24 -15.37
CA PHE A 35 13.15 16.56 -14.90
C PHE A 35 12.89 15.48 -13.88
N ARG A 36 12.60 15.88 -12.64
CA ARG A 36 12.43 14.96 -11.53
C ARG A 36 11.16 15.27 -10.73
N ILE A 37 10.78 14.36 -9.82
CA ILE A 37 9.74 14.62 -8.84
C ILE A 37 8.39 14.95 -9.51
N PRO A 38 7.87 14.03 -10.31
CA PRO A 38 6.61 14.28 -11.04
C PRO A 38 5.33 14.12 -10.25
N THR A 39 4.31 14.83 -10.71
CA THR A 39 2.93 14.62 -10.28
C THR A 39 2.06 14.99 -11.48
N ILE A 40 1.11 14.14 -11.78
CA ILE A 40 0.14 14.43 -12.79
C ILE A 40 -1.26 14.33 -12.18
N VAL A 41 -2.02 15.41 -12.28
CA VAL A 41 -3.40 15.46 -11.77
C VAL A 41 -4.39 15.89 -12.84
N ASN A 42 -5.67 15.90 -12.49
CA ASN A 42 -6.75 16.26 -13.40
C ASN A 42 -7.48 17.47 -12.86
N VAL A 43 -7.45 18.57 -13.56
CA VAL A 43 -8.17 19.75 -13.09
C VAL A 43 -9.32 20.00 -14.05
N ASP A 44 -10.53 19.70 -13.57
CA ASP A 44 -11.69 20.08 -14.35
C ASP A 44 -11.52 19.63 -15.80
N GLY A 45 -11.02 18.44 -16.05
CA GLY A 45 -10.90 17.99 -17.43
C GLY A 45 -9.56 18.24 -18.10
N VAL A 46 -8.69 19.03 -17.46
CA VAL A 46 -7.36 19.31 -18.01
C VAL A 46 -6.25 18.57 -17.26
N MET A 47 -5.42 17.80 -17.98
CA MET A 47 -4.29 17.11 -17.34
C MET A 47 -3.25 18.13 -16.99
N VAL A 48 -2.74 18.07 -15.77
CA VAL A 48 -1.68 18.95 -15.31
C VAL A 48 -0.55 18.13 -14.71
N ALA A 49 0.61 18.27 -15.35
CA ALA A 49 1.83 17.54 -15.03
C ALA A 49 2.82 18.54 -14.42
N THR A 50 3.21 18.31 -13.16
CA THR A 50 4.04 19.21 -12.41
C THR A 50 5.38 18.51 -12.19
N ALA A 51 6.46 19.27 -12.24
CA ALA A 51 7.76 18.65 -12.02
C ALA A 51 8.86 19.63 -11.68
N ASP A 52 9.94 19.13 -11.08
CA ASP A 52 11.16 19.93 -10.87
C ASP A 52 11.84 20.07 -12.25
N ALA A 53 12.13 21.30 -12.68
CA ALA A 53 13.06 21.47 -13.81
C ALA A 53 14.46 21.70 -13.22
N ARG A 54 15.29 20.68 -13.22
CA ARG A 54 16.65 20.82 -12.68
C ARG A 54 17.54 21.20 -13.86
N TYR A 55 17.74 22.50 -14.00
CA TYR A 55 18.32 23.05 -15.21
C TYR A 55 19.70 22.55 -15.56
N GLU A 56 20.57 22.44 -14.55
CA GLU A 56 21.99 22.23 -14.79
C GLU A 56 22.48 20.85 -14.44
N THR A 57 21.85 20.24 -13.44
CA THR A 57 22.28 18.93 -12.97
C THR A 57 21.11 18.21 -12.30
N SER A 58 21.21 16.91 -12.04
CA SER A 58 20.10 16.22 -11.36
C SER A 58 20.16 16.40 -9.86
N PHE A 59 21.22 17.02 -9.37
CA PHE A 59 21.37 17.16 -7.93
C PHE A 59 20.36 18.02 -7.19
N ASP A 60 20.08 17.60 -5.97
CA ASP A 60 19.14 18.30 -5.12
C ASP A 60 19.55 19.74 -4.86
N ASN A 61 20.85 19.96 -4.74
CA ASN A 61 21.34 21.27 -4.32
C ASN A 61 21.80 22.08 -5.47
N SER A 62 20.97 22.25 -6.47
CA SER A 62 21.35 22.98 -7.67
C SER A 62 20.21 23.91 -8.09
N PHE A 63 20.36 24.57 -9.24
CA PHE A 63 19.40 25.58 -9.74
C PHE A 63 18.10 24.90 -10.23
N ILE A 64 16.98 25.10 -9.52
CA ILE A 64 15.71 24.44 -9.91
C ILE A 64 14.44 25.29 -9.91
N GLU A 65 13.55 25.04 -10.86
CA GLU A 65 12.26 25.73 -10.84
C GLU A 65 11.16 24.72 -11.05
N THR A 66 9.92 25.10 -10.73
CA THR A 66 8.81 24.19 -10.95
C THR A 66 8.22 24.32 -12.33
N ALA A 67 8.35 23.27 -13.13
CA ALA A 67 7.75 23.29 -14.45
C ALA A 67 6.36 22.68 -14.45
N VAL A 68 5.54 23.08 -15.42
CA VAL A 68 4.27 22.47 -15.63
C VAL A 68 4.03 22.26 -17.10
N LYS A 69 3.42 21.14 -17.44
CA LYS A 69 2.87 20.93 -18.77
C LYS A 69 1.40 20.59 -18.54
N TYR A 70 0.48 21.14 -19.33
CA TYR A 70 -0.91 20.77 -19.15
C TYR A 70 -1.50 20.44 -20.49
N SER A 71 -2.61 19.70 -20.49
CA SER A 71 -3.21 19.28 -21.75
C SER A 71 -4.71 19.16 -21.63
N VAL A 72 -5.40 19.61 -22.68
CA VAL A 72 -6.85 19.57 -22.72
C VAL A 72 -7.31 18.43 -23.57
N ASP A 73 -6.36 17.65 -24.07
CA ASP A 73 -6.74 16.55 -24.95
C ASP A 73 -6.15 15.19 -24.59
N ASP A 74 -6.10 14.91 -23.29
CA ASP A 74 -5.64 13.61 -22.81
C ASP A 74 -4.28 13.21 -23.31
N GLY A 75 -3.45 14.22 -23.55
CA GLY A 75 -2.07 14.00 -23.94
C GLY A 75 -1.71 14.04 -25.42
N ALA A 76 -2.63 14.39 -26.29
CA ALA A 76 -2.19 14.55 -27.68
C ALA A 76 -1.46 15.89 -27.84
N THR A 77 -1.47 16.72 -26.82
CA THR A 77 -0.92 18.04 -27.01
C THR A 77 -0.77 18.65 -25.66
N TRP A 78 0.35 19.36 -25.45
CA TRP A 78 0.69 19.96 -24.18
C TRP A 78 1.26 21.38 -24.35
N ASN A 79 0.94 22.27 -23.41
CA ASN A 79 1.60 23.57 -23.32
C ASN A 79 2.55 23.50 -22.10
N THR A 80 3.59 24.33 -22.10
CA THR A 80 4.65 24.30 -21.10
C THR A 80 4.84 25.65 -20.41
N GLN A 81 4.98 25.63 -19.09
CA GLN A 81 5.21 26.84 -18.31
C GLN A 81 6.19 26.54 -17.22
N ILE A 82 6.67 27.62 -16.61
CA ILE A 82 7.40 27.56 -15.37
C ILE A 82 6.42 28.16 -14.39
N ALA A 83 5.87 27.33 -13.51
CA ALA A 83 4.84 27.77 -12.58
C ALA A 83 5.34 28.46 -11.34
N ILE A 84 6.57 28.18 -10.92
CA ILE A 84 7.15 28.81 -9.74
C ILE A 84 8.62 29.01 -10.03
N LYS A 85 9.04 30.27 -9.94
CA LYS A 85 10.42 30.68 -10.18
C LYS A 85 11.12 30.55 -8.87
N ASN A 86 12.42 30.35 -8.88
CA ASN A 86 13.12 30.33 -7.61
C ASN A 86 13.55 31.77 -7.31
N SER A 87 14.18 31.99 -6.16
CA SER A 87 14.59 33.31 -5.71
C SER A 87 15.72 33.99 -6.47
N ARG A 88 16.48 33.23 -7.24
CA ARG A 88 17.58 33.79 -8.02
C ARG A 88 18.68 34.38 -7.10
N ALA A 89 18.75 33.88 -5.88
CA ALA A 89 19.69 34.44 -4.95
C ALA A 89 21.13 33.96 -5.18
N SER A 90 21.30 32.71 -5.60
CA SER A 90 22.64 32.18 -5.93
C SER A 90 22.46 31.18 -7.04
N SER A 91 23.55 30.53 -7.41
CA SER A 91 23.53 29.53 -8.45
C SER A 91 22.86 28.23 -8.02
N VAL A 92 22.49 28.11 -6.75
CA VAL A 92 21.80 26.90 -6.30
C VAL A 92 20.38 27.19 -5.76
N SER A 93 19.90 28.40 -5.96
CA SER A 93 18.58 28.73 -5.47
C SER A 93 17.61 27.76 -6.16
N ARG A 94 16.66 27.24 -5.40
CA ARG A 94 15.76 26.26 -5.95
C ARG A 94 14.42 26.30 -5.26
N VAL A 95 13.38 26.02 -6.04
CA VAL A 95 12.04 25.74 -5.54
C VAL A 95 11.84 24.28 -6.04
N MET A 96 11.35 23.40 -5.16
CA MET A 96 11.44 21.98 -5.46
C MET A 96 10.53 21.09 -4.62
N ASP A 97 10.35 19.85 -5.08
CA ASP A 97 9.57 18.82 -4.37
C ASP A 97 8.11 19.17 -4.22
N ALA A 98 7.45 19.44 -5.33
CA ALA A 98 6.06 19.83 -5.29
C ALA A 98 5.08 18.80 -4.66
N THR A 99 4.20 19.29 -3.81
CA THR A 99 3.10 18.52 -3.26
C THR A 99 1.88 19.29 -3.73
N VAL A 100 0.87 18.59 -4.18
CA VAL A 100 -0.18 19.23 -4.94
C VAL A 100 -1.55 18.78 -4.51
N ILE A 101 -2.47 19.73 -4.37
CA ILE A 101 -3.86 19.42 -4.09
C ILE A 101 -4.73 20.09 -5.14
N VAL A 102 -5.72 19.37 -5.67
CA VAL A 102 -6.64 19.94 -6.63
C VAL A 102 -7.99 20.16 -5.95
N LYS A 103 -8.50 21.39 -6.03
CA LYS A 103 -9.88 21.63 -5.57
C LYS A 103 -10.61 22.54 -6.53
N GLY A 104 -11.68 22.03 -7.12
CA GLY A 104 -12.47 22.76 -8.12
C GLY A 104 -11.53 23.02 -9.29
N ASN A 105 -11.47 24.28 -9.73
CA ASN A 105 -10.57 24.61 -10.82
C ASN A 105 -9.24 25.15 -10.26
N LYS A 106 -8.96 24.84 -8.99
CA LYS A 106 -7.70 25.36 -8.44
C LYS A 106 -6.69 24.31 -8.04
N LEU A 107 -5.42 24.68 -8.19
CA LEU A 107 -4.32 23.85 -7.74
C LEU A 107 -3.53 24.55 -6.63
N TYR A 108 -3.29 23.83 -5.55
CA TYR A 108 -2.48 24.32 -4.48
C TYR A 108 -1.18 23.54 -4.52
N ILE A 109 -0.08 24.25 -4.77
CA ILE A 109 1.23 23.64 -4.82
C ILE A 109 2.11 24.13 -3.69
N LEU A 110 2.59 23.20 -2.88
CA LEU A 110 3.50 23.51 -1.80
C LEU A 110 4.90 23.01 -2.22
N VAL A 111 5.90 23.88 -2.12
CA VAL A 111 7.27 23.51 -2.49
C VAL A 111 8.21 23.98 -1.42
N GLY A 112 9.41 23.37 -1.39
CA GLY A 112 10.45 23.83 -0.48
C GLY A 112 11.28 24.85 -1.23
N SER A 113 11.61 25.97 -0.60
CA SER A 113 12.39 27.00 -1.28
C SER A 113 13.70 27.28 -0.56
N PHE A 114 14.78 27.28 -1.33
CA PHE A 114 16.13 27.43 -0.81
C PHE A 114 16.92 28.46 -1.62
N ASN A 115 17.74 29.23 -0.92
CA ASN A 115 18.53 30.31 -1.52
C ASN A 115 19.97 29.93 -1.87
N LYS A 116 20.72 29.42 -0.90
CA LYS A 116 22.11 29.15 -1.20
C LYS A 116 22.83 27.99 -0.52
N THR A 117 22.14 27.14 0.26
CA THR A 117 22.86 26.02 0.88
C THR A 117 23.23 24.97 -0.13
N ARG A 118 24.24 24.20 0.20
CA ARG A 118 24.76 23.25 -0.73
C ARG A 118 24.64 21.87 -0.13
N ASN A 119 24.19 21.82 1.11
CA ASN A 119 23.90 20.51 1.67
C ASN A 119 22.40 20.31 1.79
N SER A 120 22.00 19.11 2.19
CA SER A 120 20.60 18.76 2.26
C SER A 120 19.89 19.32 3.50
N TRP A 121 18.60 19.59 3.28
CA TRP A 121 17.76 20.25 4.28
C TRP A 121 17.86 19.67 5.68
N THR A 122 17.87 18.34 5.83
CA THR A 122 17.95 17.77 7.19
C THR A 122 19.27 18.09 7.83
N GLN A 123 20.26 18.44 7.02
CA GLN A 123 21.59 18.74 7.58
C GLN A 123 21.83 20.21 7.91
N HIS A 124 20.85 21.08 7.64
CA HIS A 124 21.08 22.50 7.87
C HIS A 124 21.26 22.81 9.35
N ARG A 125 22.09 23.83 9.61
CA ARG A 125 22.34 24.33 10.95
C ARG A 125 21.05 24.88 11.57
N ASP A 126 20.29 25.63 10.80
CA ASP A 126 18.97 26.14 11.20
C ASP A 126 18.12 26.25 9.95
N GLY A 127 16.99 26.93 10.04
CA GLY A 127 16.10 27.08 8.91
C GLY A 127 16.24 28.35 8.10
N SER A 128 17.32 29.10 8.34
CA SER A 128 17.52 30.42 7.70
C SER A 128 17.64 30.46 6.17
N ASP A 129 18.07 29.37 5.56
CA ASP A 129 18.13 29.36 4.09
C ASP A 129 16.78 28.92 3.47
N TRP A 130 15.80 28.59 4.31
CA TRP A 130 14.60 27.88 3.81
C TRP A 130 13.24 28.55 3.92
N GLU A 131 12.36 28.30 2.96
CA GLU A 131 11.00 28.78 3.09
C GLU A 131 10.06 27.81 2.43
N PRO A 132 8.94 27.53 3.08
CA PRO A 132 7.91 26.61 2.50
C PRO A 132 6.98 27.51 1.71
N LEU A 133 6.92 27.37 0.39
CA LEU A 133 6.07 28.26 -0.41
C LEU A 133 4.78 27.58 -0.88
N LEU A 134 3.65 28.27 -0.76
CA LEU A 134 2.35 27.82 -1.23
C LEU A 134 1.99 28.68 -2.44
N VAL A 135 1.61 28.03 -3.52
CA VAL A 135 1.28 28.70 -4.76
C VAL A 135 -0.05 28.21 -5.27
N VAL A 136 -0.91 29.14 -5.69
CA VAL A 136 -2.22 28.73 -6.19
C VAL A 136 -2.37 28.91 -7.70
N GLY A 137 -2.76 27.87 -8.40
CA GLY A 137 -2.97 28.07 -9.82
C GLY A 137 -4.44 27.89 -10.16
N GLU A 138 -4.89 28.59 -11.20
CA GLU A 138 -6.30 28.56 -11.54
C GLU A 138 -6.49 28.18 -12.98
N VAL A 139 -7.26 27.11 -13.18
CA VAL A 139 -7.52 26.65 -14.53
C VAL A 139 -8.82 27.20 -15.13
N THR A 140 -8.69 27.67 -16.36
CA THR A 140 -9.77 28.27 -17.11
C THR A 140 -9.86 27.56 -18.45
N LYS A 141 -10.97 26.90 -18.67
CA LYS A 141 -11.17 26.15 -19.89
C LYS A 141 -12.14 26.87 -20.77
N SER A 142 -11.67 27.53 -21.82
CA SER A 142 -12.65 27.98 -22.79
C SER A 142 -12.66 26.95 -23.92
N ALA A 143 -12.56 27.44 -25.14
CA ALA A 143 -12.56 26.62 -26.34
C ALA A 143 -12.89 27.55 -27.48
N ALA A 144 -13.46 26.97 -28.53
CA ALA A 144 -13.82 27.72 -29.72
C ALA A 144 -14.46 26.70 -30.64
N ASN A 145 -14.89 27.15 -31.81
CA ASN A 145 -15.49 26.23 -32.79
C ASN A 145 -14.79 24.87 -32.85
N GLY A 146 -15.32 23.93 -32.06
CA GLY A 146 -14.83 22.58 -32.10
C GLY A 146 -13.51 22.24 -31.42
N LYS A 147 -12.88 23.20 -30.75
CA LYS A 147 -11.63 22.87 -30.06
C LYS A 147 -11.53 23.59 -28.74
N THR A 148 -11.57 22.81 -27.66
CA THR A 148 -11.40 23.34 -26.32
C THR A 148 -9.99 23.90 -26.12
N THR A 149 -9.82 24.94 -25.30
CA THR A 149 -8.46 25.37 -24.97
C THR A 149 -8.45 25.68 -23.50
N ALA A 150 -7.24 25.87 -22.97
CA ALA A 150 -7.13 26.15 -21.57
C ALA A 150 -5.93 27.01 -21.29
N THR A 151 -6.01 27.75 -20.21
CA THR A 151 -4.87 28.48 -19.69
C THR A 151 -4.82 28.20 -18.19
N ILE A 152 -3.68 28.44 -17.60
CA ILE A 152 -3.56 28.30 -16.18
C ILE A 152 -2.82 29.52 -15.73
N SER A 153 -3.35 30.17 -14.71
CA SER A 153 -2.70 31.37 -14.21
C SER A 153 -2.15 31.08 -12.80
N TRP A 154 -0.90 31.46 -12.56
CA TRP A 154 -0.23 31.17 -11.31
C TRP A 154 -0.05 32.38 -10.43
N GLY A 155 -0.51 32.31 -9.17
CA GLY A 155 -0.38 33.41 -8.23
C GLY A 155 1.05 33.61 -7.73
N LYS A 156 1.25 34.60 -6.89
CA LYS A 156 2.57 34.81 -6.34
C LYS A 156 2.67 33.85 -5.19
N PRO A 157 3.86 33.33 -4.97
CA PRO A 157 4.10 32.40 -3.87
C PRO A 157 3.85 33.07 -2.53
N VAL A 158 3.37 32.30 -1.58
CA VAL A 158 3.17 32.82 -0.26
C VAL A 158 3.93 31.96 0.73
N SER A 159 4.65 32.60 1.64
CA SER A 159 5.43 31.83 2.58
C SER A 159 4.57 31.44 3.74
N LEU A 160 4.71 30.20 4.20
CA LEU A 160 3.95 29.65 5.30
C LEU A 160 4.88 29.52 6.50
N LYS A 161 6.07 30.08 6.38
CA LYS A 161 7.04 30.00 7.47
C LYS A 161 6.54 30.55 8.81
N PRO A 162 5.86 31.69 8.80
CA PRO A 162 5.29 32.21 10.06
C PRO A 162 4.28 31.26 10.75
N LEU A 163 3.71 30.30 10.04
CA LEU A 163 2.72 29.41 10.65
C LEU A 163 3.39 28.17 11.25
N PHE A 164 4.70 28.08 11.10
CA PHE A 164 5.41 26.88 11.53
C PHE A 164 5.78 27.04 12.99
N PRO A 165 5.27 26.18 13.84
CA PRO A 165 5.64 26.26 15.25
C PRO A 165 7.13 25.99 15.41
N ALA A 166 7.65 26.55 16.49
CA ALA A 166 9.06 26.47 16.82
C ALA A 166 9.34 25.16 17.52
N GLU A 167 8.27 24.55 18.03
CA GLU A 167 8.41 23.29 18.72
C GLU A 167 7.13 22.50 18.61
N PHE A 168 7.27 21.19 18.72
CA PHE A 168 6.13 20.28 18.78
C PHE A 168 6.50 19.41 19.96
N ASP A 169 5.60 19.22 20.92
CA ASP A 169 5.92 18.31 22.01
C ASP A 169 7.31 18.55 22.53
N GLY A 170 7.79 19.79 22.53
CA GLY A 170 9.12 20.06 22.99
C GLY A 170 10.20 19.78 21.94
N ILE A 171 9.81 19.24 20.77
CA ILE A 171 10.77 19.00 19.67
C ILE A 171 11.05 20.35 19.00
N LEU A 172 12.28 20.84 19.02
CA LEU A 172 12.52 22.11 18.34
C LEU A 172 12.57 21.93 16.82
N THR A 173 11.78 22.71 16.10
CA THR A 173 11.71 22.57 14.65
C THR A 173 12.79 23.31 13.88
N LYS A 174 13.07 22.81 12.68
CA LYS A 174 14.01 23.43 11.78
C LYS A 174 13.35 23.76 10.45
N GLU A 175 12.78 22.75 9.79
CA GLU A 175 12.21 23.03 8.48
C GLU A 175 11.06 22.06 8.20
N PHE A 176 10.21 22.37 7.25
CA PHE A 176 9.29 21.35 6.82
C PHE A 176 9.04 21.46 5.33
N VAL A 177 8.55 20.36 4.75
CA VAL A 177 8.23 20.34 3.35
C VAL A 177 7.06 19.35 3.14
N GLY A 178 6.28 19.59 2.07
CA GLY A 178 5.19 18.70 1.69
C GLY A 178 5.73 17.31 1.52
N GLY A 179 4.87 16.30 1.54
CA GLY A 179 5.35 14.93 1.43
C GLY A 179 5.71 14.43 0.05
N VAL A 180 5.42 15.26 -0.95
CA VAL A 180 5.72 15.01 -2.35
C VAL A 180 4.63 14.30 -3.05
N GLY A 181 4.09 14.98 -4.07
CA GLY A 181 3.15 14.25 -4.93
C GLY A 181 1.76 14.80 -4.71
N ALA A 182 0.78 14.00 -5.09
CA ALA A 182 -0.61 14.38 -5.01
C ALA A 182 -1.17 14.12 -3.63
N ALA A 183 -1.76 15.16 -3.05
CA ALA A 183 -2.40 15.06 -1.74
C ALA A 183 -3.88 15.27 -2.00
N ILE A 184 -4.67 15.70 -1.01
CA ILE A 184 -6.14 15.67 -1.23
C ILE A 184 -6.98 16.79 -0.64
N VAL A 185 -8.21 16.84 -1.13
CA VAL A 185 -9.30 17.52 -0.44
C VAL A 185 -10.04 16.41 0.26
N GLY A 186 -10.21 16.52 1.57
CA GLY A 186 -10.97 15.55 2.35
C GLY A 186 -12.48 15.63 2.02
N SER A 187 -13.25 14.62 2.40
CA SER A 187 -14.67 14.66 2.09
C SER A 187 -15.32 15.83 2.82
N ASN A 188 -14.71 16.30 3.93
CA ASN A 188 -15.26 17.48 4.59
C ASN A 188 -14.79 18.78 3.95
N GLY A 189 -14.09 18.66 2.82
CA GLY A 189 -13.63 19.84 2.10
C GLY A 189 -12.27 20.42 2.57
N ASN A 190 -11.71 19.90 3.67
CA ASN A 190 -10.36 20.33 4.10
C ASN A 190 -9.29 20.10 3.05
N LEU A 191 -8.35 21.04 2.96
CA LEU A 191 -7.17 20.84 2.13
C LEU A 191 -6.25 20.01 3.03
N VAL A 192 -5.75 18.87 2.55
CA VAL A 192 -4.89 18.06 3.42
C VAL A 192 -3.51 17.71 2.87
N TYR A 193 -2.50 18.27 3.49
CA TYR A 193 -1.11 18.06 3.12
C TYR A 193 -0.45 17.22 4.17
N PRO A 194 0.15 16.12 3.74
CA PRO A 194 1.01 15.34 4.62
C PRO A 194 2.31 16.09 4.51
N VAL A 195 3.00 16.28 5.61
CA VAL A 195 4.25 17.01 5.55
C VAL A 195 5.38 16.26 6.27
N GLN A 196 6.63 16.60 5.91
CA GLN A 196 7.79 15.99 6.55
C GLN A 196 8.50 17.12 7.27
N ILE A 197 8.83 16.88 8.53
CA ILE A 197 9.47 17.84 9.39
C ILE A 197 10.85 17.36 9.83
N ALA A 198 11.81 18.28 9.81
CA ALA A 198 13.16 18.02 10.34
C ALA A 198 13.30 18.81 11.62
N ASP A 199 13.70 18.15 12.70
CA ASP A 199 13.93 18.85 13.95
C ASP A 199 15.39 19.34 14.03
N MET A 200 15.73 20.08 15.09
CA MET A 200 17.06 20.68 15.17
C MET A 200 18.17 19.64 15.12
N GLY A 201 17.91 18.43 15.63
CA GLY A 201 18.91 17.37 15.65
C GLY A 201 18.97 16.55 14.37
N GLY A 202 18.32 17.02 13.33
CA GLY A 202 18.32 16.29 12.06
C GLY A 202 17.37 15.10 11.98
N ARG A 203 16.50 14.91 12.96
CA ARG A 203 15.53 13.81 12.90
C ARG A 203 14.43 14.18 11.94
N VAL A 204 13.86 13.20 11.24
CA VAL A 204 12.76 13.49 10.33
C VAL A 204 11.50 12.78 10.80
N PHE A 205 10.34 13.40 10.62
CA PHE A 205 9.10 12.75 11.01
C PHE A 205 7.95 13.39 10.25
N THR A 206 6.79 12.76 10.24
CA THR A 206 5.71 13.35 9.47
C THR A 206 4.49 13.75 10.28
N LYS A 207 3.72 14.65 9.70
CA LYS A 207 2.53 15.24 10.34
C LYS A 207 1.53 15.61 9.24
N ILE A 208 0.31 15.96 9.67
CA ILE A 208 -0.71 16.44 8.76
C ILE A 208 -0.79 17.96 8.87
N MET A 209 -0.76 18.67 7.73
CA MET A 209 -0.97 20.13 7.77
C MET A 209 -2.22 20.38 6.95
N TYR A 210 -3.23 21.05 7.52
CA TYR A 210 -4.50 21.16 6.81
C TYR A 210 -5.21 22.51 6.90
N SER A 211 -6.11 22.75 5.96
CA SER A 211 -6.88 23.97 5.94
C SER A 211 -8.40 23.72 5.81
N GLU A 212 -9.16 24.33 6.72
CA GLU A 212 -10.62 24.30 6.64
C GLU A 212 -11.18 25.44 5.87
N ASP A 213 -10.31 26.32 5.36
CA ASP A 213 -10.81 27.52 4.67
C ASP A 213 -10.16 27.75 3.31
N ASP A 214 -10.02 26.71 2.54
CA ASP A 214 -9.48 26.85 1.21
C ASP A 214 -8.12 27.53 1.14
N GLY A 215 -7.30 27.31 2.16
CA GLY A 215 -5.93 27.76 2.08
C GLY A 215 -5.55 29.09 2.67
N ASN A 216 -6.51 29.76 3.32
CA ASN A 216 -6.30 31.01 4.01
C ASN A 216 -5.51 30.77 5.32
N THR A 217 -5.88 29.73 6.09
CA THR A 217 -5.14 29.38 7.31
C THR A 217 -4.82 27.88 7.33
N TRP A 218 -3.80 27.49 8.08
CA TRP A 218 -3.34 26.12 8.08
C TRP A 218 -3.04 25.84 9.50
N LYS A 219 -3.18 24.56 9.85
CA LYS A 219 -2.96 24.04 11.18
C LYS A 219 -2.16 22.75 11.08
N PHE A 220 -1.29 22.53 12.07
CA PHE A 220 -0.49 21.33 12.16
C PHE A 220 -1.26 20.45 13.15
N ALA A 221 -1.66 19.27 12.71
CA ALA A 221 -2.44 18.44 13.60
C ALA A 221 -1.51 17.89 14.65
N GLU A 222 -2.07 17.40 15.74
CA GLU A 222 -1.24 17.00 16.85
C GLU A 222 -0.42 15.74 16.68
N GLY A 223 -0.93 14.76 15.93
CA GLY A 223 -0.20 13.51 15.82
C GLY A 223 1.02 13.56 14.92
N ARG A 224 1.77 12.46 14.92
CA ARG A 224 2.93 12.32 14.04
C ARG A 224 3.39 10.87 13.93
N SER A 225 4.22 10.61 12.93
CA SER A 225 4.86 9.31 12.74
C SER A 225 6.01 9.14 13.72
N LYS A 226 6.54 7.94 13.76
CA LYS A 226 7.81 7.72 14.43
C LYS A 226 8.86 8.50 13.65
N PHE A 227 9.97 8.78 14.34
CA PHE A 227 11.13 9.35 13.68
C PHE A 227 11.61 8.37 12.62
N GLY A 228 12.18 8.89 11.55
CA GLY A 228 12.66 8.03 10.49
C GLY A 228 11.76 7.98 9.26
N CYS A 229 10.58 8.62 9.36
CA CYS A 229 9.60 8.68 8.29
C CYS A 229 9.78 9.99 7.52
N SER A 230 9.68 9.87 6.20
CA SER A 230 9.81 11.00 5.30
C SER A 230 8.84 10.81 4.14
N GLU A 231 8.83 11.78 3.22
CA GLU A 231 7.94 11.84 2.05
C GLU A 231 6.62 11.11 2.21
N PRO A 232 5.82 11.56 3.16
CA PRO A 232 4.54 10.88 3.39
C PRO A 232 3.54 11.15 2.26
N ALA A 233 2.77 10.13 1.89
CA ALA A 233 1.62 10.31 1.00
C ALA A 233 0.31 9.99 1.75
N VAL A 234 -0.76 10.72 1.46
CA VAL A 234 -1.98 10.50 2.19
C VAL A 234 -3.17 10.40 1.25
N LEU A 235 -4.17 9.63 1.69
CA LEU A 235 -5.47 9.54 1.00
C LEU A 235 -6.49 9.35 2.11
N GLU A 236 -7.77 9.36 1.74
CA GLU A 236 -8.83 9.19 2.70
C GLU A 236 -9.55 7.89 2.43
N TRP A 237 -9.76 7.11 3.46
CA TRP A 237 -10.42 5.84 3.25
C TRP A 237 -11.40 5.56 4.37
N GLU A 238 -12.68 5.42 4.00
CA GLU A 238 -13.72 5.13 5.00
C GLU A 238 -13.64 5.99 6.25
N GLY A 239 -13.59 7.31 6.00
CA GLY A 239 -13.60 8.28 7.08
C GLY A 239 -12.27 8.46 7.76
N LYS A 240 -11.18 7.90 7.23
CA LYS A 240 -9.87 8.05 7.87
C LYS A 240 -8.79 8.48 6.91
N LEU A 241 -7.82 9.20 7.43
CA LEU A 241 -6.63 9.53 6.64
C LEU A 241 -5.70 8.30 6.72
N ILE A 242 -5.15 7.87 5.61
CA ILE A 242 -4.14 6.81 5.66
C ILE A 242 -2.83 7.41 5.23
N ILE A 243 -1.84 7.37 6.10
CA ILE A 243 -0.59 8.02 5.79
C ILE A 243 0.46 6.99 5.58
N ASN A 244 0.98 6.93 4.34
CA ASN A 244 1.91 5.89 3.89
C ASN A 244 3.30 6.55 3.77
N ASN A 245 4.23 6.12 4.63
CA ASN A 245 5.51 6.83 4.70
C ASN A 245 6.69 6.18 4.04
N ARG A 246 7.57 7.03 3.49
CA ARG A 246 8.89 6.57 3.10
C ARG A 246 9.69 6.32 4.41
N VAL A 247 10.45 5.24 4.44
CA VAL A 247 11.30 4.93 5.60
C VAL A 247 12.60 4.36 5.07
N ASP A 248 13.67 5.17 5.06
CA ASP A 248 14.94 4.65 4.57
C ASP A 248 15.48 3.65 5.58
N GLY A 249 15.99 2.51 5.09
CA GLY A 249 16.63 1.53 5.98
C GLY A 249 15.72 0.62 6.76
N ASN A 250 14.43 0.66 6.45
CA ASN A 250 13.47 -0.22 7.08
C ASN A 250 12.15 -0.26 6.34
N ARG A 251 11.24 -1.12 6.78
CA ARG A 251 9.93 -1.29 6.13
C ARG A 251 9.06 -0.07 6.29
N ARG A 252 8.17 0.11 5.31
CA ARG A 252 7.32 1.30 5.26
C ARG A 252 6.21 1.27 6.30
N LEU A 253 6.16 2.32 7.08
CA LEU A 253 5.18 2.47 8.13
C LEU A 253 3.94 3.15 7.59
N VAL A 254 2.79 2.64 7.97
CA VAL A 254 1.53 3.23 7.53
C VAL A 254 0.67 3.54 8.74
N TYR A 255 0.04 4.70 8.77
CA TYR A 255 -0.78 5.06 9.94
C TYR A 255 -2.17 5.45 9.49
N GLU A 256 -3.11 5.36 10.42
CA GLU A 256 -4.49 5.82 10.16
C GLU A 256 -4.87 6.86 11.22
N SER A 257 -5.63 7.88 10.80
CA SER A 257 -6.14 8.90 11.72
C SER A 257 -7.59 9.18 11.40
N SER A 258 -8.44 9.02 12.40
CA SER A 258 -9.89 9.28 12.30
C SER A 258 -10.25 10.72 12.68
N ASP A 259 -9.29 11.52 13.10
CA ASP A 259 -9.62 12.87 13.56
C ASP A 259 -8.74 13.94 12.90
N MET A 260 -8.64 13.89 11.57
CA MET A 260 -7.89 14.88 10.84
C MET A 260 -6.45 15.01 11.39
N GLY A 261 -5.83 13.87 11.70
CA GLY A 261 -4.45 13.87 12.15
C GLY A 261 -4.12 14.10 13.61
N LYS A 262 -5.14 14.40 14.42
CA LYS A 262 -4.88 14.67 15.83
C LYS A 262 -4.32 13.44 16.49
N THR A 263 -4.82 12.28 16.10
CA THR A 263 -4.25 11.08 16.65
C THR A 263 -3.98 10.01 15.56
N TRP A 264 -2.77 9.44 15.58
CA TRP A 264 -2.30 8.46 14.59
C TRP A 264 -2.20 7.08 15.24
N VAL A 265 -2.49 6.04 14.48
CA VAL A 265 -2.45 4.65 14.98
C VAL A 265 -1.81 3.85 13.87
N GLU A 266 -0.83 3.03 14.20
CA GLU A 266 -0.18 2.28 13.15
C GLU A 266 -1.14 1.30 12.54
N ALA A 267 -1.16 1.23 11.21
CA ALA A 267 -2.07 0.31 10.52
C ALA A 267 -1.55 -1.14 10.53
N LEU A 268 -1.43 -1.72 11.72
CA LEU A 268 -0.85 -3.06 11.90
C LEU A 268 -1.71 -4.16 11.34
N GLY A 269 -3.01 -3.91 11.29
CA GLY A 269 -3.91 -4.94 10.82
C GLY A 269 -4.20 -4.84 9.33
N THR A 270 -3.53 -3.93 8.62
CA THR A 270 -3.80 -3.78 7.19
C THR A 270 -2.56 -3.57 6.31
N LEU A 271 -2.00 -2.38 6.36
CA LEU A 271 -0.98 -2.02 5.43
C LEU A 271 0.41 -1.73 5.96
N SER A 272 0.57 -1.53 7.26
CA SER A 272 1.87 -1.15 7.77
C SER A 272 2.88 -2.25 7.53
N HIS A 273 4.08 -1.90 7.09
CA HIS A 273 5.12 -2.90 6.87
C HIS A 273 4.93 -3.88 5.69
N VAL A 274 3.86 -3.72 4.93
CA VAL A 274 3.69 -4.53 3.74
C VAL A 274 4.77 -4.21 2.72
N TRP A 275 5.02 -2.93 2.47
CA TRP A 275 5.93 -2.55 1.40
C TRP A 275 7.30 -2.13 1.98
N THR A 276 8.32 -2.11 1.14
CA THR A 276 9.63 -1.74 1.64
C THR A 276 10.52 -1.16 0.53
N ASN A 277 11.80 -0.98 0.82
CA ASN A 277 12.73 -0.26 -0.08
C ASN A 277 13.56 -1.13 -1.02
N SER A 278 13.56 -2.43 -0.80
CA SER A 278 14.46 -3.34 -1.53
C SER A 278 14.25 -4.71 -0.93
N PRO A 279 14.73 -5.75 -1.60
CA PRO A 279 14.58 -7.11 -1.10
C PRO A 279 15.05 -7.30 0.32
N THR A 280 16.16 -6.68 0.70
CA THR A 280 16.65 -6.81 2.07
C THR A 280 16.20 -5.71 3.07
N SER A 281 15.46 -4.69 2.61
CA SER A 281 14.93 -3.62 3.50
C SER A 281 15.91 -2.65 4.13
N ASN A 282 17.19 -2.77 3.79
CA ASN A 282 18.22 -1.92 4.40
C ASN A 282 18.78 -0.86 3.48
N GLN A 283 18.07 -0.56 2.40
CA GLN A 283 18.50 0.45 1.43
C GLN A 283 17.74 1.76 1.57
N GLN A 284 18.15 2.82 0.86
CA GLN A 284 17.38 4.04 0.96
C GLN A 284 16.04 3.81 0.27
N ASP A 285 15.01 4.47 0.77
CA ASP A 285 13.67 4.24 0.25
C ASP A 285 13.41 5.21 -0.86
N CYS A 286 12.18 5.20 -1.36
CA CYS A 286 11.80 6.03 -2.49
C CYS A 286 10.37 6.52 -2.23
N GLN A 287 10.06 7.66 -2.84
CA GLN A 287 8.70 8.19 -2.84
C GLN A 287 7.72 7.22 -3.52
N SER A 288 6.45 7.28 -3.11
CA SER A 288 5.37 6.46 -3.65
C SER A 288 4.17 7.33 -3.83
N SER A 289 3.36 7.05 -4.87
CA SER A 289 2.11 7.77 -4.98
C SER A 289 1.16 6.83 -4.32
N PHE A 290 0.11 7.37 -3.70
CA PHE A 290 -0.90 6.60 -2.95
C PHE A 290 -2.20 7.36 -3.18
N VAL A 291 -3.10 6.78 -3.99
CA VAL A 291 -4.24 7.51 -4.47
C VAL A 291 -5.48 6.64 -4.40
N ALA A 292 -6.57 7.20 -3.92
CA ALA A 292 -7.86 6.50 -3.91
C ALA A 292 -8.60 6.79 -5.20
N VAL A 293 -9.20 5.75 -5.79
CA VAL A 293 -9.96 5.86 -7.04
C VAL A 293 -11.14 4.89 -6.97
N THR A 294 -12.05 4.98 -7.95
CA THR A 294 -13.20 4.09 -7.96
C THR A 294 -13.14 3.40 -9.29
N ILE A 295 -13.09 2.06 -9.24
CA ILE A 295 -13.01 1.28 -10.45
C ILE A 295 -14.13 0.24 -10.48
N GLU A 296 -14.88 0.26 -11.59
CA GLU A 296 -16.00 -0.64 -11.77
C GLU A 296 -16.91 -0.57 -10.55
N GLY A 297 -17.14 0.66 -10.09
CA GLY A 297 -18.03 0.89 -8.98
C GLY A 297 -17.46 0.64 -7.59
N LYS A 298 -16.22 0.16 -7.51
CA LYS A 298 -15.65 -0.11 -6.19
C LYS A 298 -14.46 0.83 -5.87
N ARG A 299 -14.42 1.34 -4.65
CA ARG A 299 -13.35 2.22 -4.20
C ARG A 299 -12.14 1.37 -3.89
N VAL A 300 -10.99 1.72 -4.46
CA VAL A 300 -9.77 0.98 -4.15
C VAL A 300 -8.63 1.98 -4.00
N MET A 301 -7.47 1.50 -3.59
CA MET A 301 -6.31 2.35 -3.42
C MET A 301 -5.22 1.90 -4.39
N LEU A 302 -4.56 2.86 -5.02
CA LEU A 302 -3.43 2.57 -5.89
C LEU A 302 -2.14 3.01 -5.23
N PHE A 303 -1.12 2.15 -5.30
CA PHE A 303 0.16 2.43 -4.69
C PHE A 303 1.30 2.12 -5.67
N THR A 304 2.25 3.04 -5.84
CA THR A 304 3.36 2.71 -6.72
C THR A 304 4.67 2.76 -5.95
N HIS A 305 5.60 1.92 -6.35
CA HIS A 305 6.89 1.84 -5.72
C HIS A 305 7.83 0.92 -6.51
N PRO A 306 9.09 1.30 -6.60
CA PRO A 306 10.11 0.46 -7.25
C PRO A 306 10.45 -0.81 -6.45
N LEU A 307 10.87 -1.89 -7.12
CA LEU A 307 11.43 -3.03 -6.40
C LEU A 307 12.85 -2.70 -5.96
N ASN A 308 13.57 -1.90 -6.75
CA ASN A 308 14.91 -1.50 -6.37
C ASN A 308 15.82 -2.71 -6.10
N LEU A 309 15.80 -3.67 -7.04
CA LEU A 309 16.63 -4.89 -6.93
C LEU A 309 18.09 -4.50 -7.04
N LYS A 310 18.34 -3.35 -7.65
CA LYS A 310 19.72 -2.89 -7.79
C LYS A 310 20.20 -2.14 -6.53
N GLY A 311 19.28 -1.63 -5.72
CA GLY A 311 19.69 -1.00 -4.49
C GLY A 311 20.03 0.47 -4.62
N ARG A 312 20.26 1.08 -3.47
CA ARG A 312 20.58 2.49 -3.40
C ARG A 312 19.53 3.33 -4.12
N TRP A 313 19.94 4.30 -4.95
CA TRP A 313 18.93 5.16 -5.56
C TRP A 313 18.55 4.66 -6.96
N MET A 314 19.04 3.49 -7.38
CA MET A 314 18.68 3.06 -8.75
C MET A 314 17.14 2.90 -8.95
N ARG A 315 16.46 2.32 -7.97
CA ARG A 315 15.00 2.27 -8.03
C ARG A 315 14.46 1.70 -9.34
N ASP A 316 14.96 0.54 -9.71
CA ASP A 316 14.47 -0.15 -10.86
C ASP A 316 13.16 -0.86 -10.53
N ARG A 317 12.45 -1.21 -11.60
CA ARG A 317 11.19 -1.98 -11.54
C ARG A 317 10.03 -1.40 -10.78
N LEU A 318 9.52 -0.32 -11.30
CA LEU A 318 8.43 0.35 -10.66
C LEU A 318 7.18 -0.51 -10.79
N HIS A 319 6.57 -0.87 -9.65
CA HIS A 319 5.36 -1.66 -9.65
C HIS A 319 4.15 -0.82 -9.24
N LEU A 320 2.98 -1.36 -9.59
CA LEU A 320 1.70 -0.76 -9.23
C LEU A 320 0.90 -1.78 -8.45
N TRP A 321 0.38 -1.42 -7.28
CA TRP A 321 -0.46 -2.35 -6.54
C TRP A 321 -1.83 -1.71 -6.34
N MET A 322 -2.83 -2.56 -6.14
CA MET A 322 -4.20 -2.11 -5.95
C MET A 322 -4.68 -2.84 -4.73
N THR A 323 -5.29 -2.09 -3.82
CA THR A 323 -5.80 -2.72 -2.60
C THR A 323 -7.12 -2.10 -2.18
N ASP A 324 -8.00 -2.96 -1.67
CA ASP A 324 -9.24 -2.51 -1.06
C ASP A 324 -9.13 -2.52 0.49
N ASN A 325 -7.91 -2.42 1.00
CA ASN A 325 -7.65 -2.48 2.45
C ASN A 325 -7.84 -3.87 3.04
N GLN A 326 -8.04 -4.87 2.16
CA GLN A 326 -8.11 -6.25 2.61
C GLN A 326 -7.18 -7.08 1.71
N ARG A 327 -7.55 -7.18 0.43
CA ARG A 327 -6.74 -7.87 -0.54
C ARG A 327 -5.73 -6.89 -1.09
N ILE A 328 -4.58 -7.41 -1.50
CA ILE A 328 -3.54 -6.59 -2.07
C ILE A 328 -3.04 -7.24 -3.35
N PHE A 329 -3.38 -6.63 -4.50
CA PHE A 329 -3.02 -7.16 -5.82
C PHE A 329 -1.86 -6.43 -6.47
N ASP A 330 -0.90 -7.18 -6.99
CA ASP A 330 0.25 -6.58 -7.68
C ASP A 330 -0.14 -6.50 -9.17
N VAL A 331 -0.50 -5.31 -9.62
CA VAL A 331 -0.99 -5.18 -10.97
C VAL A 331 0.12 -5.55 -11.94
N GLY A 332 1.34 -5.21 -11.52
CA GLY A 332 2.50 -5.53 -12.31
C GLY A 332 3.56 -4.44 -12.38
N GLN A 333 4.53 -4.62 -13.28
CA GLN A 333 5.63 -3.67 -13.46
C GLN A 333 5.26 -2.62 -14.51
N ILE A 334 5.23 -1.35 -14.15
CA ILE A 334 4.94 -0.36 -15.16
C ILE A 334 6.19 0.24 -15.83
N SER A 335 7.36 0.17 -15.20
CA SER A 335 8.58 0.62 -15.90
C SER A 335 8.97 -0.47 -16.91
N ILE A 336 10.01 -0.23 -17.69
CA ILE A 336 10.38 -1.20 -18.73
C ILE A 336 11.69 -1.94 -18.43
N GLY A 337 11.60 -3.27 -18.38
CA GLY A 337 12.76 -4.10 -18.19
C GLY A 337 13.47 -3.77 -16.88
N ASP A 338 14.80 -3.69 -16.97
CA ASP A 338 15.55 -3.38 -15.76
C ASP A 338 15.96 -1.93 -15.72
N GLU A 339 15.27 -1.07 -16.46
CA GLU A 339 15.67 0.33 -16.38
C GLU A 339 15.51 0.89 -14.93
N ASN A 340 16.29 1.91 -14.60
CA ASN A 340 16.14 2.63 -13.34
C ASN A 340 15.00 3.62 -13.45
N SER A 341 14.04 3.57 -12.50
CA SER A 341 12.95 4.53 -12.50
C SER A 341 13.16 5.50 -11.37
N GLY A 342 12.23 5.56 -10.41
CA GLY A 342 12.34 6.49 -9.28
C GLY A 342 10.98 6.98 -8.82
N TYR A 343 10.82 8.30 -8.70
CA TYR A 343 9.59 8.90 -8.20
C TYR A 343 8.48 8.70 -9.22
N SER A 344 7.22 8.62 -8.78
CA SER A 344 6.13 8.34 -9.70
C SER A 344 4.81 9.00 -9.28
N SER A 345 3.83 8.89 -10.17
CA SER A 345 2.50 9.43 -9.99
C SER A 345 1.52 8.60 -10.89
N VAL A 346 0.31 8.34 -10.40
CA VAL A 346 -0.71 7.65 -11.17
C VAL A 346 -2.03 8.44 -11.18
N LEU A 347 -2.79 8.35 -12.27
CA LEU A 347 -3.97 9.20 -12.36
C LEU A 347 -5.03 8.47 -13.14
N TYR A 348 -6.24 8.43 -12.59
CA TYR A 348 -7.34 7.78 -13.25
C TYR A 348 -8.28 8.89 -13.65
N LYS A 349 -8.47 9.05 -14.95
CA LYS A 349 -9.31 10.15 -15.45
C LYS A 349 -10.14 9.69 -16.63
N ASP A 350 -11.43 9.96 -16.58
CA ASP A 350 -12.33 9.59 -17.64
C ASP A 350 -12.09 8.14 -18.00
N ASP A 351 -12.02 7.31 -16.97
CA ASP A 351 -11.92 5.88 -17.14
C ASP A 351 -10.71 5.47 -17.99
N LYS A 352 -9.66 6.25 -17.87
CA LYS A 352 -8.40 5.87 -18.46
C LYS A 352 -7.29 6.04 -17.41
N LEU A 353 -6.35 5.11 -17.39
CA LEU A 353 -5.30 5.13 -16.37
C LEU A 353 -3.92 5.52 -16.92
N TYR A 354 -3.19 6.36 -16.20
CA TYR A 354 -1.88 6.86 -16.65
C TYR A 354 -0.86 6.90 -15.53
N SER A 355 0.41 6.98 -15.91
CA SER A 355 1.44 7.28 -14.94
C SER A 355 2.40 8.35 -15.49
N LEU A 356 2.94 9.21 -14.61
CA LEU A 356 4.05 10.06 -14.94
C LEU A 356 5.16 9.61 -13.99
N HIS A 357 6.27 9.15 -14.52
CA HIS A 357 7.32 8.72 -13.61
C HIS A 357 8.73 8.90 -14.13
N GLU A 358 9.69 8.93 -13.20
CA GLU A 358 11.07 9.06 -13.63
C GLU A 358 11.66 7.86 -14.37
N ILE A 359 12.57 8.17 -15.30
CA ILE A 359 13.52 7.17 -15.80
C ILE A 359 14.90 7.79 -15.70
N ASN A 360 15.86 6.95 -15.38
CA ASN A 360 17.18 7.46 -15.06
C ASN A 360 18.28 6.69 -15.74
N THR A 361 18.99 7.37 -16.65
CA THR A 361 20.21 6.76 -17.18
C THR A 361 21.40 7.64 -16.82
N ASN A 362 22.38 7.05 -16.14
CA ASN A 362 23.56 7.79 -15.67
C ASN A 362 23.22 9.05 -14.87
N ASP A 363 22.08 9.02 -14.18
CA ASP A 363 21.67 10.13 -13.30
C ASP A 363 21.31 11.40 -14.04
N VAL A 364 20.80 11.19 -15.25
CA VAL A 364 20.20 12.23 -16.02
C VAL A 364 18.77 11.73 -16.11
N TYR A 365 17.82 12.52 -15.69
CA TYR A 365 16.44 12.02 -15.60
C TYR A 365 15.40 12.61 -16.56
N SER A 366 14.51 11.75 -17.05
CA SER A 366 13.34 12.18 -17.84
C SER A 366 12.06 11.76 -17.11
N LEU A 367 10.92 12.34 -17.45
CA LEU A 367 9.65 11.84 -16.96
C LEU A 367 8.91 11.20 -18.15
N VAL A 368 8.48 9.95 -18.02
CA VAL A 368 7.70 9.36 -19.07
C VAL A 368 6.22 9.44 -18.69
N PHE A 369 5.36 9.59 -19.72
CA PHE A 369 3.92 9.72 -19.55
C PHE A 369 3.34 8.50 -20.19
N VAL A 370 2.70 7.69 -19.35
CA VAL A 370 2.37 6.35 -19.71
C VAL A 370 0.89 6.09 -19.75
N ARG A 371 0.46 5.32 -20.73
CA ARG A 371 -0.93 4.99 -20.85
C ARG A 371 -1.07 3.55 -20.40
N PHE A 372 -1.63 3.36 -19.21
CA PHE A 372 -1.78 2.03 -18.66
C PHE A 372 -3.01 1.32 -19.14
N ILE A 373 -3.05 0.98 -20.42
CA ILE A 373 -4.14 0.25 -21.00
C ILE A 373 -4.26 -1.15 -20.44
N GLY A 374 -3.16 -1.92 -20.50
CA GLY A 374 -3.26 -3.32 -20.08
C GLY A 374 -3.45 -3.46 -18.58
N GLU A 375 -2.77 -2.60 -17.85
CA GLU A 375 -2.90 -2.55 -16.41
C GLU A 375 -4.37 -2.35 -15.97
N LEU A 376 -5.02 -1.33 -16.50
CA LEU A 376 -6.41 -1.03 -16.17
C LEU A 376 -7.31 -2.23 -16.54
N GLN A 377 -7.00 -2.88 -17.65
CA GLN A 377 -7.77 -4.05 -18.05
C GLN A 377 -7.70 -5.14 -16.98
N LEU A 378 -6.49 -5.40 -16.51
CA LEU A 378 -6.30 -6.38 -15.48
C LEU A 378 -6.94 -5.88 -14.19
N MET A 379 -6.83 -4.58 -13.92
CA MET A 379 -7.44 -4.07 -12.67
C MET A 379 -8.95 -4.29 -12.61
N LYS A 380 -9.62 -3.98 -13.71
CA LYS A 380 -11.06 -4.14 -13.78
C LYS A 380 -11.44 -5.61 -13.63
N SER A 381 -10.67 -6.49 -14.26
CA SER A 381 -11.00 -7.90 -14.16
C SER A 381 -10.92 -8.32 -12.69
N VAL A 382 -9.83 -7.96 -11.98
CA VAL A 382 -9.78 -8.36 -10.58
C VAL A 382 -10.78 -7.65 -9.65
N VAL A 383 -11.11 -6.41 -9.94
CA VAL A 383 -12.16 -5.76 -9.18
C VAL A 383 -13.48 -6.53 -9.37
N ARG A 384 -13.74 -6.94 -10.59
CA ARG A 384 -14.93 -7.73 -10.84
C ARG A 384 -14.90 -9.06 -10.07
N THR A 385 -13.77 -9.74 -10.05
CA THR A 385 -13.72 -10.96 -9.26
C THR A 385 -14.09 -10.65 -7.78
N TRP A 386 -13.43 -9.64 -7.19
CA TRP A 386 -13.71 -9.28 -5.81
C TRP A 386 -15.18 -8.97 -5.50
N LYS A 387 -15.83 -8.20 -6.38
CA LYS A 387 -17.20 -7.77 -6.13
C LYS A 387 -18.13 -8.97 -6.18
N GLU A 388 -17.86 -9.76 -7.20
CA GLU A 388 -18.66 -10.93 -7.47
C GLU A 388 -18.52 -11.98 -6.39
N GLU A 389 -17.30 -12.32 -5.94
CA GLU A 389 -17.20 -13.27 -4.87
C GLU A 389 -17.80 -12.72 -3.57
N ASP A 390 -17.56 -11.43 -3.27
CA ASP A 390 -18.13 -10.85 -2.03
C ASP A 390 -19.67 -10.85 -2.09
N ASN A 391 -20.23 -10.53 -3.26
CA ASN A 391 -21.70 -10.45 -3.36
C ASN A 391 -22.32 -11.84 -3.27
N HIS A 392 -21.63 -12.80 -3.85
CA HIS A 392 -22.11 -14.17 -3.79
C HIS A 392 -22.09 -14.65 -2.32
N LEU A 393 -20.96 -14.48 -1.64
CA LEU A 393 -20.96 -14.94 -0.25
C LEU A 393 -21.97 -14.17 0.58
N ALA A 394 -22.08 -12.86 0.35
CA ALA A 394 -23.00 -12.06 1.16
C ALA A 394 -24.45 -12.38 0.83
N SER A 395 -24.67 -13.08 -0.26
CA SER A 395 -26.03 -13.40 -0.64
C SER A 395 -26.56 -14.77 -0.26
N ILE A 396 -25.69 -15.58 0.30
CA ILE A 396 -26.06 -16.91 0.74
C ILE A 396 -27.02 -16.83 1.95
N CYS A 397 -28.06 -17.66 1.91
CA CYS A 397 -29.03 -17.75 2.99
C CYS A 397 -28.53 -18.75 4.02
N THR A 398 -28.01 -18.26 5.14
CA THR A 398 -27.48 -19.16 6.15
C THR A 398 -28.58 -19.50 7.16
N PRO A 399 -28.37 -20.60 7.87
CA PRO A 399 -29.41 -21.11 8.79
C PRO A 399 -29.78 -20.13 9.89
N VAL A 400 -31.07 -19.95 10.11
CA VAL A 400 -31.51 -19.13 11.22
C VAL A 400 -31.20 -19.85 12.55
N VAL A 401 -30.61 -19.13 13.51
CA VAL A 401 -30.31 -19.73 14.79
C VAL A 401 -31.37 -19.46 15.85
N PRO A 402 -31.64 -20.44 16.72
CA PRO A 402 -32.65 -20.28 17.76
C PRO A 402 -32.38 -19.05 18.62
N ALA A 403 -33.38 -18.22 18.93
CA ALA A 403 -33.08 -17.04 19.77
C ALA A 403 -33.92 -16.99 21.06
N GLY A 410 -35.95 -15.03 7.08
CA GLY A 410 -35.80 -16.34 6.41
C GLY A 410 -34.35 -16.91 6.58
N CYS A 411 -33.42 -16.02 6.91
CA CYS A 411 -32.01 -16.36 6.88
C CYS A 411 -31.31 -15.87 8.11
N GLY A 412 -30.19 -16.51 8.46
CA GLY A 412 -29.41 -16.09 9.61
C GLY A 412 -28.46 -14.96 9.24
N ALA A 413 -27.56 -14.63 10.14
CA ALA A 413 -26.54 -13.64 9.77
C ALA A 413 -25.77 -14.01 8.48
N ALA A 414 -25.39 -12.99 7.72
CA ALA A 414 -24.59 -13.18 6.50
C ALA A 414 -23.22 -13.84 6.72
N VAL A 415 -22.79 -14.61 5.73
CA VAL A 415 -21.45 -15.15 5.73
C VAL A 415 -20.53 -13.93 5.83
N PRO A 416 -19.67 -13.84 6.84
CA PRO A 416 -18.83 -12.65 6.99
C PRO A 416 -17.89 -12.45 5.81
N THR A 417 -17.92 -11.27 5.19
CA THR A 417 -17.02 -10.90 4.13
C THR A 417 -16.13 -9.66 4.52
N ALA A 418 -16.52 -8.88 5.52
CA ALA A 418 -15.66 -7.74 5.91
C ALA A 418 -14.40 -8.33 6.42
N GLY A 419 -13.27 -7.87 5.92
CA GLY A 419 -11.98 -8.35 6.43
C GLY A 419 -11.55 -9.68 5.82
N LEU A 420 -12.34 -10.17 4.88
CA LEU A 420 -12.03 -11.44 4.20
C LEU A 420 -10.89 -11.17 3.20
N VAL A 421 -9.71 -11.72 3.48
CA VAL A 421 -8.52 -11.44 2.68
C VAL A 421 -8.22 -12.46 1.57
N GLY A 422 -8.24 -13.75 1.90
CA GLY A 422 -7.94 -14.82 0.97
C GLY A 422 -8.90 -16.02 1.13
N PHE A 423 -9.01 -16.85 0.10
CA PHE A 423 -9.95 -17.98 0.09
C PHE A 423 -9.38 -19.04 -0.87
N LEU A 424 -9.19 -20.24 -0.37
CA LEU A 424 -8.65 -21.33 -1.18
C LEU A 424 -9.80 -22.32 -1.25
N SER A 425 -10.30 -22.56 -2.45
CA SER A 425 -11.47 -23.40 -2.58
C SER A 425 -11.31 -24.36 -3.74
N HIS A 426 -12.21 -24.33 -4.69
CA HIS A 426 -12.19 -25.33 -5.74
C HIS A 426 -11.02 -25.29 -6.75
N SER A 427 -10.68 -24.14 -7.30
CA SER A 427 -9.57 -24.14 -8.26
C SER A 427 -8.27 -24.51 -7.62
N ALA A 428 -7.60 -25.48 -8.22
CA ALA A 428 -6.35 -26.01 -7.72
C ALA A 428 -5.80 -27.00 -8.73
N ASN A 429 -4.51 -27.25 -8.63
CA ASN A 429 -3.90 -28.34 -9.41
C ASN A 429 -2.88 -29.02 -8.48
N GLY A 430 -1.98 -29.88 -8.99
CA GLY A 430 -1.10 -30.61 -8.09
C GLY A 430 0.02 -29.83 -7.39
N SER A 431 0.21 -28.58 -7.81
CA SER A 431 1.23 -27.74 -7.23
C SER A 431 0.79 -26.31 -6.83
N VAL A 432 -0.43 -25.90 -7.19
CA VAL A 432 -0.90 -24.56 -6.84
C VAL A 432 -2.38 -24.59 -6.41
N TRP A 433 -2.70 -23.95 -5.28
CA TRP A 433 -4.08 -23.85 -4.79
C TRP A 433 -4.41 -22.36 -5.00
N GLU A 434 -5.39 -22.05 -5.81
CA GLU A 434 -5.60 -20.66 -6.17
C GLU A 434 -6.42 -19.81 -5.17
N ASP A 435 -5.92 -18.61 -4.91
CA ASP A 435 -6.63 -17.63 -4.09
C ASP A 435 -7.86 -17.30 -4.90
N VAL A 436 -9.05 -17.56 -4.38
CA VAL A 436 -10.24 -17.12 -5.11
C VAL A 436 -10.15 -15.58 -5.32
N TYR A 437 -9.49 -14.89 -4.41
CA TYR A 437 -9.35 -13.43 -4.56
C TYR A 437 -8.16 -12.98 -5.42
N ARG A 438 -7.45 -13.95 -6.03
CA ARG A 438 -6.38 -13.69 -7.05
C ARG A 438 -5.17 -12.90 -6.61
N CYS A 439 -4.84 -12.97 -5.34
CA CYS A 439 -3.71 -12.20 -4.87
C CYS A 439 -2.56 -13.07 -4.40
N VAL A 440 -2.82 -14.04 -3.53
CA VAL A 440 -1.76 -14.86 -2.98
C VAL A 440 -2.14 -16.33 -3.00
N ASP A 441 -1.57 -17.09 -3.94
CA ASP A 441 -1.86 -18.51 -4.03
C ASP A 441 -1.08 -19.27 -2.98
N ALA A 442 -1.51 -20.50 -2.68
CA ALA A 442 -0.75 -21.41 -1.83
C ALA A 442 0.02 -22.41 -2.68
N ASN A 443 1.21 -22.82 -2.22
CA ASN A 443 2.02 -23.85 -2.90
C ASN A 443 1.66 -25.26 -2.37
N VAL A 444 1.54 -26.21 -3.29
CA VAL A 444 1.00 -27.51 -2.93
C VAL A 444 1.95 -28.63 -3.25
N ALA A 445 1.91 -29.70 -2.46
CA ALA A 445 2.58 -30.92 -2.82
C ALA A 445 1.83 -32.17 -2.33
N ASN A 446 2.00 -33.26 -3.05
CA ASN A 446 1.41 -34.55 -2.72
C ASN A 446 -0.08 -34.48 -2.45
N ALA A 447 -0.77 -33.89 -3.41
CA ALA A 447 -2.19 -33.69 -3.29
C ALA A 447 -2.99 -34.15 -4.48
N GLU A 448 -4.23 -34.50 -4.22
CA GLU A 448 -5.16 -34.80 -5.25
C GLU A 448 -6.43 -33.98 -4.99
N ARG A 449 -7.04 -33.53 -6.07
CA ARG A 449 -8.21 -32.69 -5.98
C ARG A 449 -9.48 -33.38 -5.49
N VAL A 450 -10.25 -32.68 -4.65
CA VAL A 450 -11.59 -33.08 -4.28
C VAL A 450 -12.41 -31.80 -4.37
N PRO A 451 -13.72 -31.94 -4.32
CA PRO A 451 -14.60 -30.76 -4.40
C PRO A 451 -14.21 -29.69 -3.38
N ASN A 452 -13.88 -28.48 -3.85
CA ASN A 452 -13.56 -27.36 -2.97
C ASN A 452 -12.24 -27.45 -2.20
N GLY A 453 -11.37 -28.36 -2.60
CA GLY A 453 -10.08 -28.47 -1.96
C GLY A 453 -9.23 -29.65 -2.32
N LEU A 454 -8.46 -30.10 -1.34
CA LEU A 454 -7.39 -31.07 -1.60
C LEU A 454 -7.29 -32.15 -0.54
N LYS A 455 -6.97 -33.35 -0.98
CA LYS A 455 -6.69 -34.48 -0.11
C LYS A 455 -5.18 -34.74 -0.21
N PHE A 456 -4.51 -34.82 0.92
CA PHE A 456 -3.07 -35.00 0.91
C PHE A 456 -2.67 -36.42 1.16
N ASN A 457 -1.71 -36.91 0.40
CA ASN A 457 -1.23 -38.26 0.62
C ASN A 457 0.19 -38.34 0.11
N GLY A 458 1.15 -38.45 1.01
CA GLY A 458 2.54 -38.55 0.63
C GLY A 458 3.37 -37.65 1.54
N VAL A 459 4.67 -37.89 1.58
CA VAL A 459 5.59 -37.15 2.41
C VAL A 459 5.48 -35.68 2.04
N GLY A 460 5.30 -34.81 3.04
CA GLY A 460 5.20 -33.38 2.74
C GLY A 460 3.85 -33.03 2.08
N GLY A 461 2.87 -33.93 2.15
CA GLY A 461 1.56 -33.61 1.62
C GLY A 461 0.94 -32.45 2.39
N GLY A 462 0.57 -31.40 1.67
CA GLY A 462 0.11 -30.18 2.32
C GLY A 462 0.22 -28.95 1.41
N ALA A 463 -0.15 -27.79 1.95
CA ALA A 463 -0.07 -26.55 1.21
C ALA A 463 0.53 -25.46 2.08
N VAL A 464 1.33 -24.56 1.47
CA VAL A 464 2.00 -23.45 2.14
C VAL A 464 1.39 -22.17 1.62
N TRP A 465 0.85 -21.36 2.52
CA TRP A 465 0.25 -20.11 2.11
C TRP A 465 1.22 -19.13 2.69
N PRO A 466 2.07 -18.57 1.84
CA PRO A 466 3.19 -17.76 2.31
C PRO A 466 2.78 -16.49 3.04
N VAL A 467 3.52 -16.21 4.11
CA VAL A 467 3.37 -14.96 4.83
C VAL A 467 4.71 -14.23 4.69
N ALA A 468 5.64 -14.36 5.63
CA ALA A 468 6.97 -13.76 5.40
C ALA A 468 7.62 -14.38 4.14
N ARG A 469 7.23 -15.60 3.84
CA ARG A 469 7.75 -16.26 2.63
C ARG A 469 7.29 -15.55 1.35
N GLN A 470 6.34 -14.62 1.42
CA GLN A 470 6.08 -13.80 0.24
C GLN A 470 7.38 -13.05 -0.18
N GLY A 471 8.29 -12.82 0.76
CA GLY A 471 9.54 -12.16 0.37
C GLY A 471 9.58 -10.68 0.68
N GLN A 472 9.80 -9.86 -0.33
CA GLN A 472 9.99 -8.42 -0.18
C GLN A 472 8.72 -7.73 0.19
N THR A 473 7.66 -7.95 -0.60
CA THR A 473 6.37 -7.36 -0.33
C THR A 473 5.56 -8.35 0.47
N ARG A 474 5.19 -8.02 1.71
CA ARG A 474 4.49 -8.91 2.63
C ARG A 474 3.01 -8.58 2.87
N ARG A 475 2.18 -9.10 2.00
CA ARG A 475 0.78 -8.71 1.92
C ARG A 475 -0.05 -9.28 3.02
N TYR A 476 0.44 -10.35 3.63
CA TYR A 476 -0.25 -10.95 4.77
C TYR A 476 0.44 -10.53 6.07
N GLN A 477 1.28 -9.51 5.99
CA GLN A 477 1.91 -8.94 7.19
C GLN A 477 0.91 -8.69 8.30
N PHE A 478 -0.35 -8.42 7.98
CA PHE A 478 -1.35 -8.13 9.02
C PHE A 478 -1.47 -9.26 10.02
N ALA A 479 -1.24 -10.50 9.59
CA ALA A 479 -1.50 -11.65 10.48
C ALA A 479 -0.64 -11.70 11.74
N ASN A 480 0.46 -10.96 11.73
CA ASN A 480 1.39 -10.96 12.85
C ASN A 480 0.75 -10.21 14.03
N TYR A 481 -0.27 -9.46 13.69
CA TYR A 481 -1.02 -8.70 14.68
C TYR A 481 -2.36 -9.34 14.99
N ARG A 482 -3.08 -9.86 13.98
CA ARG A 482 -4.36 -10.54 14.22
C ARG A 482 -4.78 -11.34 12.99
N PHE A 483 -5.44 -12.49 13.17
CA PHE A 483 -6.05 -13.19 12.03
C PHE A 483 -7.12 -14.13 12.45
N THR A 484 -7.89 -14.57 11.45
CA THR A 484 -8.79 -15.68 11.61
C THR A 484 -8.52 -16.60 10.42
N LEU A 485 -8.23 -17.86 10.69
CA LEU A 485 -7.96 -18.79 9.61
C LEU A 485 -9.03 -19.90 9.81
N VAL A 486 -9.78 -20.17 8.74
CA VAL A 486 -10.88 -21.13 8.78
C VAL A 486 -10.69 -22.24 7.80
N ALA A 487 -11.13 -23.44 8.13
CA ALA A 487 -11.07 -24.56 7.19
C ALA A 487 -12.00 -25.71 7.60
N THR A 488 -12.39 -26.49 6.59
CA THR A 488 -13.22 -27.67 6.78
C THR A 488 -12.31 -28.83 6.54
N VAL A 489 -12.25 -29.78 7.48
CA VAL A 489 -11.35 -30.92 7.40
C VAL A 489 -11.98 -32.29 7.67
N THR A 490 -11.35 -33.35 7.12
CA THR A 490 -11.63 -34.70 7.62
C THR A 490 -10.27 -35.32 7.93
N ILE A 491 -10.21 -36.18 8.93
CA ILE A 491 -8.96 -36.93 9.10
C ILE A 491 -9.21 -38.23 8.35
N ASP A 492 -8.34 -38.52 7.39
CA ASP A 492 -8.55 -39.71 6.53
C ASP A 492 -7.91 -41.00 7.04
N GLU A 493 -6.75 -40.88 7.69
CA GLU A 493 -6.03 -42.03 8.28
C GLU A 493 -5.38 -41.60 9.59
N LEU A 494 -5.41 -42.50 10.57
CA LEU A 494 -4.77 -42.30 11.86
C LEU A 494 -3.28 -42.07 11.68
N PRO A 495 -2.74 -41.13 12.43
CA PRO A 495 -1.31 -40.84 12.39
C PRO A 495 -0.50 -41.80 13.31
N LYS A 496 0.80 -41.91 13.08
CA LYS A 496 1.61 -42.75 13.96
C LYS A 496 1.59 -42.23 15.38
N GLY A 497 1.84 -40.94 15.53
CA GLY A 497 1.79 -40.31 16.84
C GLY A 497 0.95 -39.06 16.72
N THR A 498 1.64 -37.95 16.48
CA THR A 498 1.00 -36.65 16.25
C THR A 498 1.30 -36.14 14.82
N SER A 499 0.32 -35.51 14.17
CA SER A 499 0.53 -34.94 12.83
C SER A 499 -0.17 -33.58 12.73
N PRO A 500 0.38 -32.66 11.92
CA PRO A 500 -0.20 -31.32 11.76
C PRO A 500 -1.37 -31.26 10.78
N LEU A 501 -2.25 -30.33 11.06
CA LEU A 501 -3.47 -30.19 10.29
C LEU A 501 -3.59 -28.75 9.75
N LEU A 502 -3.41 -27.75 10.60
CA LEU A 502 -3.59 -26.37 10.15
C LEU A 502 -2.90 -25.42 11.12
N GLY A 503 -2.21 -24.42 10.60
CA GLY A 503 -1.67 -23.46 11.53
C GLY A 503 -0.80 -22.36 10.94
N ALA A 504 -0.22 -21.55 11.83
CA ALA A 504 0.68 -20.46 11.47
C ALA A 504 2.06 -20.80 11.99
N GLY A 505 3.01 -20.98 11.07
CA GLY A 505 4.37 -21.32 11.45
C GLY A 505 5.20 -20.08 11.55
N LEU A 506 6.32 -20.15 12.25
CA LEU A 506 7.14 -18.94 12.46
C LEU A 506 8.50 -19.00 11.79
N GLU A 507 9.01 -17.85 11.35
CA GLU A 507 10.37 -17.74 10.84
C GLU A 507 11.31 -18.10 11.98
N GLY A 508 12.47 -18.67 11.66
CA GLY A 508 13.43 -18.94 12.70
C GLY A 508 13.83 -20.40 12.84
N PRO A 509 14.85 -20.61 13.68
CA PRO A 509 15.41 -21.94 13.92
C PRO A 509 14.34 -22.74 14.65
N GLY A 510 14.29 -24.02 14.40
CA GLY A 510 13.27 -24.77 15.05
C GLY A 510 12.14 -24.96 14.06
N ASP A 511 11.02 -25.30 14.65
CA ASP A 511 9.87 -25.83 14.00
C ASP A 511 8.75 -25.11 14.67
N ALA A 512 8.96 -23.86 15.02
CA ALA A 512 8.01 -23.17 15.86
C ALA A 512 6.70 -22.69 15.22
N LYS A 513 5.63 -22.70 16.01
CA LYS A 513 4.34 -22.21 15.55
C LYS A 513 3.81 -21.11 16.41
N LEU A 514 3.09 -20.19 15.80
CA LEU A 514 2.39 -19.20 16.59
C LEU A 514 1.11 -19.79 17.12
N LEU A 515 0.31 -20.38 16.24
CA LEU A 515 -0.96 -20.96 16.68
C LEU A 515 -1.26 -22.05 15.68
N GLY A 516 -1.85 -23.16 16.14
CA GLY A 516 -2.15 -24.22 15.23
C GLY A 516 -2.91 -25.36 15.89
N LEU A 517 -3.14 -26.40 15.09
CA LEU A 517 -3.92 -27.56 15.51
C LEU A 517 -3.31 -28.79 14.85
N SER A 518 -3.10 -29.81 15.66
CA SER A 518 -2.53 -31.06 15.24
C SER A 518 -3.52 -32.15 15.76
N TYR A 519 -3.34 -33.41 15.35
CA TYR A 519 -4.24 -34.48 15.78
C TYR A 519 -3.35 -35.67 16.07
N ASP A 520 -3.83 -36.62 16.87
CA ASP A 520 -2.96 -37.71 17.31
C ASP A 520 -3.52 -39.13 17.18
N LYS A 521 -2.70 -40.13 17.52
CA LYS A 521 -3.07 -41.55 17.30
C LYS A 521 -4.16 -42.05 18.27
N ASN A 522 -4.48 -41.25 19.29
CA ASN A 522 -5.53 -41.62 20.24
C ASN A 522 -6.84 -40.95 19.83
N ARG A 523 -6.85 -40.31 18.66
CA ARG A 523 -8.01 -39.56 18.17
C ARG A 523 -8.35 -38.37 19.02
N GLN A 524 -7.29 -37.69 19.44
CA GLN A 524 -7.49 -36.46 20.15
C GLN A 524 -6.92 -35.31 19.33
N TRP A 525 -7.42 -34.13 19.64
CA TRP A 525 -6.90 -32.90 19.15
C TRP A 525 -5.70 -32.45 19.97
N ARG A 526 -4.80 -31.75 19.29
CA ARG A 526 -3.64 -31.15 19.88
C ARG A 526 -3.47 -29.71 19.37
N PRO A 527 -4.14 -28.78 20.02
CA PRO A 527 -3.99 -27.35 19.70
C PRO A 527 -2.67 -26.87 20.20
N LEU A 528 -2.04 -26.00 19.43
CA LEU A 528 -0.73 -25.47 19.74
C LEU A 528 -0.83 -23.99 20.02
N TYR A 529 -0.52 -23.62 21.25
CA TYR A 529 -0.58 -22.23 21.63
C TYR A 529 0.81 -21.68 21.82
N GLY A 530 1.39 -21.10 20.78
CA GLY A 530 2.70 -20.53 20.93
C GLY A 530 3.71 -21.61 21.27
N ALA A 531 4.56 -21.39 22.27
CA ALA A 531 5.60 -22.38 22.48
C ALA A 531 5.28 -23.42 23.55
N ALA A 532 4.14 -23.26 24.21
CA ALA A 532 3.69 -24.20 25.26
C ALA A 532 3.52 -25.61 24.71
N PRO A 533 3.81 -26.61 25.55
CA PRO A 533 3.65 -28.02 25.14
C PRO A 533 2.20 -28.30 24.85
N ALA A 534 1.92 -28.99 23.75
CA ALA A 534 0.56 -29.39 23.46
C ALA A 534 0.14 -30.39 24.53
N SER A 535 -1.14 -30.41 24.86
CA SER A 535 -1.69 -31.47 25.68
C SER A 535 -2.94 -31.78 24.90
N PRO A 536 -3.19 -33.07 24.70
CA PRO A 536 -4.35 -33.50 23.94
C PRO A 536 -5.62 -33.16 24.68
N THR A 537 -6.70 -33.01 23.92
CA THR A 537 -7.99 -32.73 24.49
C THR A 537 -9.03 -33.25 23.51
N GLY A 538 -10.20 -33.57 24.03
CA GLY A 538 -11.34 -33.95 23.20
C GLY A 538 -11.28 -35.25 22.39
N SER A 539 -12.17 -35.35 21.40
CA SER A 539 -12.32 -36.58 20.65
C SER A 539 -12.82 -36.27 19.23
N TRP A 540 -12.29 -36.96 18.25
CA TRP A 540 -12.82 -36.87 16.87
C TRP A 540 -12.87 -38.28 16.28
N GLU A 541 -13.50 -38.42 15.14
CA GLU A 541 -13.60 -39.72 14.46
C GLU A 541 -13.06 -39.61 13.03
N LEU A 542 -12.40 -40.66 12.55
CA LEU A 542 -11.93 -40.71 11.17
C LEU A 542 -13.06 -40.46 10.23
N HIS A 543 -12.74 -39.77 9.14
CA HIS A 543 -13.65 -39.52 8.04
C HIS A 543 -14.82 -38.64 8.36
N LYS A 544 -14.89 -38.06 9.54
CA LYS A 544 -16.01 -37.18 9.83
C LYS A 544 -15.58 -35.75 9.52
N LYS A 545 -16.48 -34.93 8.98
CA LYS A 545 -16.13 -33.56 8.63
C LYS A 545 -16.13 -32.65 9.86
N TYR A 546 -15.05 -31.88 10.05
CA TYR A 546 -14.95 -30.95 11.15
C TYR A 546 -14.69 -29.53 10.64
N HIS A 547 -15.28 -28.54 11.32
CA HIS A 547 -15.05 -27.17 10.97
C HIS A 547 -13.96 -26.64 11.91
N VAL A 548 -12.85 -26.14 11.36
CA VAL A 548 -11.76 -25.62 12.19
C VAL A 548 -11.53 -24.13 12.04
N VAL A 549 -11.38 -23.43 13.16
CA VAL A 549 -11.09 -22.01 13.11
C VAL A 549 -9.99 -21.63 14.07
N LEU A 550 -9.00 -20.90 13.59
CA LEU A 550 -7.95 -20.40 14.46
C LEU A 550 -8.16 -18.90 14.57
N THR A 551 -8.04 -18.41 15.79
CA THR A 551 -8.23 -16.99 16.13
C THR A 551 -7.01 -16.38 16.84
N MET A 552 -6.47 -15.28 16.34
CA MET A 552 -5.32 -14.64 16.99
C MET A 552 -5.52 -13.13 17.06
N ALA A 553 -5.54 -12.58 18.26
CA ALA A 553 -5.59 -11.12 18.46
C ALA A 553 -5.09 -10.81 19.86
N ASP A 554 -4.59 -9.60 20.08
CA ASP A 554 -4.03 -9.27 21.40
C ASP A 554 -3.04 -10.30 21.91
N ARG A 555 -2.24 -10.88 21.01
CA ARG A 555 -1.23 -11.86 21.40
C ARG A 555 -1.85 -13.13 22.00
N GLN A 556 -3.15 -13.27 21.82
CA GLN A 556 -3.86 -14.44 22.33
C GLN A 556 -4.38 -15.34 21.19
N GLY A 557 -4.49 -16.65 21.45
CA GLY A 557 -4.94 -17.60 20.43
C GLY A 557 -6.03 -18.51 20.93
N SER A 558 -6.99 -18.80 20.07
CA SER A 558 -8.03 -19.77 20.40
C SER A 558 -8.13 -20.74 19.22
N VAL A 559 -8.54 -21.97 19.50
CA VAL A 559 -8.78 -22.91 18.42
C VAL A 559 -10.19 -23.44 18.59
N TYR A 560 -10.98 -23.39 17.53
CA TYR A 560 -12.35 -23.86 17.57
C TYR A 560 -12.55 -25.06 16.68
N VAL A 561 -13.28 -26.05 17.18
CA VAL A 561 -13.74 -27.14 16.35
C VAL A 561 -15.26 -27.16 16.39
N ASP A 562 -15.95 -27.23 15.25
CA ASP A 562 -17.41 -27.24 15.29
C ASP A 562 -17.98 -26.07 16.13
N GLY A 563 -17.33 -24.91 16.04
CA GLY A 563 -17.90 -23.69 16.57
C GLY A 563 -17.74 -23.57 18.06
N GLN A 564 -17.02 -24.52 18.67
CA GLN A 564 -16.77 -24.49 20.10
C GLN A 564 -15.26 -24.45 20.33
N PRO A 565 -14.82 -23.67 21.31
CA PRO A 565 -13.39 -23.53 21.56
C PRO A 565 -12.84 -24.77 22.26
N LEU A 566 -11.61 -25.15 21.96
CA LEU A 566 -11.01 -26.26 22.67
C LEU A 566 -10.29 -25.75 23.93
N ALA A 567 -10.09 -26.62 24.90
CA ALA A 567 -9.30 -26.30 26.09
C ALA A 567 -7.95 -25.55 25.77
N GLY A 568 -7.58 -24.62 26.64
CA GLY A 568 -6.37 -23.84 26.43
C GLY A 568 -6.62 -22.60 25.59
N SER A 569 -7.82 -22.46 25.07
CA SER A 569 -8.11 -21.32 24.21
C SER A 569 -8.10 -20.04 25.00
N GLY A 570 -7.69 -18.94 24.37
CA GLY A 570 -7.52 -17.69 25.10
C GLY A 570 -6.09 -17.59 25.64
N ASN A 571 -5.33 -18.67 25.57
CA ASN A 571 -3.93 -18.58 26.01
C ASN A 571 -3.04 -17.61 25.17
N THR A 572 -2.11 -16.95 25.85
CA THR A 572 -1.13 -16.05 25.26
C THR A 572 -0.25 -16.81 24.30
N VAL A 573 -0.08 -16.31 23.08
CA VAL A 573 0.71 -17.05 22.12
C VAL A 573 2.05 -16.41 21.87
N VAL A 574 2.17 -15.12 22.16
CA VAL A 574 3.49 -14.53 22.02
C VAL A 574 3.80 -13.60 23.20
N ARG A 575 5.06 -13.53 23.61
CA ARG A 575 5.42 -12.61 24.70
C ARG A 575 6.26 -11.43 24.22
N GLY A 576 6.08 -10.26 24.83
CA GLY A 576 6.87 -9.09 24.49
C GLY A 576 6.25 -8.10 23.49
N ALA A 577 7.01 -7.06 23.18
CA ALA A 577 6.54 -5.99 22.29
C ALA A 577 6.80 -6.23 20.80
N THR A 578 7.74 -7.14 20.51
CA THR A 578 8.07 -7.46 19.14
C THR A 578 6.99 -8.28 18.46
N LEU A 579 6.48 -7.77 17.35
CA LEU A 579 5.54 -8.53 16.53
C LEU A 579 6.09 -9.91 16.13
N PRO A 580 5.25 -10.91 16.19
CA PRO A 580 5.60 -12.20 15.64
C PRO A 580 6.01 -12.02 14.18
N ASP A 581 6.71 -13.02 13.65
CA ASP A 581 7.12 -13.02 12.25
C ASP A 581 6.68 -14.36 11.62
N ILE A 582 5.41 -14.45 11.30
CA ILE A 582 4.86 -15.65 10.68
C ILE A 582 5.45 -15.87 9.30
N SER A 583 5.92 -17.08 9.07
CA SER A 583 6.50 -17.49 7.78
C SER A 583 5.41 -17.90 6.79
N HIS A 584 4.41 -18.65 7.27
CA HIS A 584 3.33 -19.14 6.40
C HIS A 584 2.20 -19.74 7.20
N PHE A 585 1.10 -20.04 6.54
CA PHE A 585 0.08 -20.86 7.16
C PHE A 585 0.31 -22.20 6.51
N TYR A 586 0.20 -23.28 7.27
CA TYR A 586 0.28 -24.59 6.70
C TYR A 586 -1.07 -25.25 6.82
N ILE A 587 -1.38 -26.08 5.80
CA ILE A 587 -2.60 -26.83 5.70
C ILE A 587 -2.11 -28.23 5.38
N GLY A 588 -2.44 -29.21 6.23
CA GLY A 588 -1.89 -30.55 6.13
C GLY A 588 -0.53 -30.51 6.75
N GLY A 589 0.41 -31.28 6.22
CA GLY A 589 1.77 -31.23 6.75
C GLY A 589 2.82 -30.99 5.68
N PRO A 590 2.89 -29.79 5.11
CA PRO A 590 3.85 -29.50 4.03
C PRO A 590 5.34 -29.60 4.41
N GLY A 594 12.60 -31.48 6.94
CA GLY A 594 13.23 -32.40 7.88
C GLY A 594 12.47 -33.70 8.13
N ALA A 595 11.68 -33.76 9.19
CA ALA A 595 10.92 -34.94 9.48
C ALA A 595 10.01 -35.26 8.27
N PRO A 596 9.80 -36.56 8.04
CA PRO A 596 9.02 -37.01 6.90
C PRO A 596 7.51 -36.94 7.12
N THR A 597 7.02 -35.85 7.68
CA THR A 597 5.59 -35.73 7.95
C THR A 597 4.67 -36.21 6.79
N ASP A 598 3.64 -36.99 7.10
CA ASP A 598 2.65 -37.43 6.11
C ASP A 598 1.26 -37.42 6.73
N SER A 599 0.68 -36.24 6.77
CA SER A 599 -0.64 -36.03 7.35
C SER A 599 -1.72 -36.44 6.36
N ARG A 600 -2.48 -37.48 6.70
CA ARG A 600 -3.52 -37.95 5.82
C ARG A 600 -4.85 -37.30 6.11
N VAL A 601 -5.03 -36.13 5.51
CA VAL A 601 -6.21 -35.33 5.74
C VAL A 601 -6.67 -34.71 4.41
N THR A 602 -7.89 -34.19 4.46
CA THR A 602 -8.50 -33.57 3.31
C THR A 602 -9.00 -32.22 3.78
N VAL A 603 -8.63 -31.16 3.11
CA VAL A 603 -9.03 -29.86 3.59
C VAL A 603 -9.66 -29.07 2.47
N THR A 604 -10.77 -28.42 2.78
CA THR A 604 -11.48 -27.61 1.78
C THR A 604 -11.84 -26.25 2.32
N ASN A 605 -12.01 -25.28 1.41
CA ASN A 605 -12.55 -23.96 1.76
C ASN A 605 -11.82 -23.27 2.90
N ILE A 606 -10.55 -22.91 2.66
CA ILE A 606 -9.72 -22.26 3.67
C ILE A 606 -9.90 -20.78 3.53
N VAL A 607 -10.34 -20.15 4.59
CA VAL A 607 -10.70 -18.76 4.53
C VAL A 607 -9.80 -17.93 5.45
N LEU A 608 -9.32 -16.77 4.98
CA LEU A 608 -8.40 -15.94 5.79
C LEU A 608 -8.97 -14.56 6.03
N TYR A 609 -9.09 -14.16 7.30
CA TYR A 609 -9.57 -12.80 7.63
C TYR A 609 -8.50 -11.98 8.35
N ASN A 610 -8.50 -10.66 8.17
CA ASN A 610 -7.48 -9.79 8.82
C ASN A 610 -7.93 -9.24 10.16
N ARG A 611 -8.76 -10.02 10.83
CA ARG A 611 -9.27 -9.63 12.12
C ARG A 611 -9.75 -10.87 12.82
N ARG A 612 -10.02 -10.74 14.12
CA ARG A 612 -10.49 -11.88 14.91
C ARG A 612 -12.00 -11.92 14.79
N LEU A 613 -12.53 -12.89 14.05
CA LEU A 613 -13.99 -13.04 13.95
C LEU A 613 -14.64 -13.21 15.33
N ASN A 614 -15.81 -12.62 15.58
CA ASN A 614 -16.41 -12.91 16.92
C ASN A 614 -17.12 -14.28 16.98
N SER A 615 -17.61 -14.65 18.18
CA SER A 615 -18.21 -15.98 18.38
C SER A 615 -19.39 -16.26 17.46
N SER A 616 -20.24 -15.28 17.19
CA SER A 616 -21.36 -15.59 16.33
C SER A 616 -21.01 -15.62 14.83
N GLU A 617 -19.98 -14.86 14.47
CA GLU A 617 -19.45 -14.94 13.12
C GLU A 617 -18.86 -16.33 12.91
N ILE A 618 -18.15 -16.82 13.89
CA ILE A 618 -17.60 -18.15 13.82
C ILE A 618 -18.75 -19.16 13.62
N ARG A 619 -19.86 -18.98 14.35
CA ARG A 619 -20.99 -19.92 14.30
C ARG A 619 -21.65 -19.89 12.94
N THR A 620 -21.69 -18.69 12.37
CA THR A 620 -22.24 -18.52 11.04
C THR A 620 -21.42 -19.33 10.06
N LEU A 621 -20.10 -19.21 10.14
CA LEU A 621 -19.27 -19.98 9.23
C LEU A 621 -19.49 -21.47 9.54
N PHE A 622 -19.52 -21.84 10.81
CA PHE A 622 -19.75 -23.27 11.05
C PHE A 622 -21.05 -23.73 10.37
N LEU A 623 -22.14 -22.98 10.52
CA LEU A 623 -23.41 -23.43 9.98
C LEU A 623 -23.52 -23.37 8.47
N SER A 624 -22.67 -22.57 7.84
CA SER A 624 -22.78 -22.40 6.41
C SER A 624 -21.67 -23.02 5.61
N GLN A 625 -20.94 -23.95 6.21
CA GLN A 625 -19.79 -24.48 5.53
C GLN A 625 -19.99 -25.22 4.21
N ASP A 626 -21.17 -25.81 4.03
CA ASP A 626 -21.44 -26.49 2.79
C ASP A 626 -21.99 -25.53 1.76
N MET A 627 -22.04 -24.24 2.11
CA MET A 627 -22.62 -23.25 1.20
C MET A 627 -21.61 -22.33 0.51
N ILE A 628 -20.38 -22.24 1.03
CA ILE A 628 -19.48 -21.21 0.51
C ILE A 628 -18.55 -21.61 -0.62
N GLY A 629 -18.46 -22.89 -0.96
CA GLY A 629 -17.46 -23.30 -1.94
C GLY A 629 -17.64 -22.80 -3.37
N THR A 630 -16.56 -22.67 -4.13
CA THR A 630 -16.66 -22.22 -5.51
C THR A 630 -17.02 -23.34 -6.52
N ASP A 631 -17.09 -24.58 -6.02
CA ASP A 631 -17.71 -25.78 -6.65
C ASP A 631 -16.83 -26.99 -7.03
C1 NAG B . 15.04 15.87 -28.93
C2 NAG B . 16.14 15.86 -30.01
C3 NAG B . 15.57 15.73 -31.41
C4 NAG B . 14.59 14.56 -31.49
C5 NAG B . 13.62 14.58 -30.33
C6 NAG B . 12.79 13.29 -30.38
C7 NAG B . 18.26 16.98 -29.65
C8 NAG B . 18.85 18.19 -28.98
N2 NAG B . 16.95 17.05 -29.95
O3 NAG B . 16.61 15.53 -32.34
O4 NAG B . 13.85 14.72 -32.68
O5 NAG B . 14.30 14.67 -29.10
O6 NAG B . 13.64 12.22 -30.68
O7 NAG B . 18.95 15.99 -29.90
C1 NAG C . 17.23 40.93 -20.71
C2 NAG C . 17.57 41.51 -22.10
C3 NAG C . 17.89 40.34 -23.03
C4 NAG C . 19.16 39.72 -22.48
C5 NAG C . 18.85 39.21 -21.07
C6 NAG C . 20.10 38.59 -20.47
C7 NAG C . 16.42 43.65 -22.55
C8 NAG C . 15.17 44.31 -23.07
N2 NAG C . 16.51 42.31 -22.67
O3 NAG C . 18.07 40.72 -24.38
O4 NAG C . 19.52 38.67 -23.35
O5 NAG C . 18.37 40.26 -20.23
O6 NAG C . 21.05 38.41 -21.50
O7 NAG C . 17.31 44.33 -22.04
C1 NAG D . 15.80 34.09 -0.31
C2 NAG D . 15.21 34.67 0.96
C3 NAG D . 14.07 35.62 0.63
C4 NAG D . 14.52 36.68 -0.35
C5 NAG D . 15.15 35.97 -1.56
C6 NAG D . 15.58 36.94 -2.66
C7 NAG D . 14.99 33.43 3.03
C8 NAG D . 14.73 32.07 3.59
N2 NAG D . 14.66 33.60 1.75
O3 NAG D . 13.52 36.18 1.81
O4 NAG D . 13.38 37.42 -0.77
O5 NAG D . 16.24 35.16 -1.13
O6 NAG D . 16.62 37.77 -2.18
O7 NAG D . 15.49 34.31 3.72
C1 NAG E . -1.18 -25.12 -11.75
C2 NAG E . -0.28 -24.81 -12.95
C3 NAG E . 0.32 -23.40 -12.90
C4 NAG E . -0.63 -22.32 -12.38
C5 NAG E . -1.67 -22.90 -11.42
C6 NAG E . -2.92 -22.10 -11.26
C7 NAG E . 1.41 -26.39 -12.07
C8 NAG E . 2.61 -25.63 -11.56
N2 NAG E . 0.74 -25.84 -13.10
O3 NAG E . 0.75 -23.01 -14.19
O4 NAG E . 0.13 -21.28 -11.76
O5 NAG E . -2.15 -24.14 -11.88
O6 NAG E . -3.85 -23.07 -10.76
O7 NAG E . 1.08 -27.47 -11.55
C1 NAG F . -20.28 -10.02 16.03
C2 NAG F . -21.21 -9.21 16.93
C3 NAG F . -22.54 -8.86 16.27
C4 NAG F . -22.29 -8.42 14.85
C5 NAG F . -21.47 -9.48 14.12
C6 NAG F . -21.19 -9.11 12.70
C7 NAG F . -20.92 -9.93 19.25
C8 NAG F . -20.67 -11.27 19.91
N2 NAG F . -21.54 -10.03 18.08
O3 NAG F . -23.22 -7.83 16.98
O4 NAG F . -23.54 -8.18 14.24
O5 NAG F . -20.23 -9.46 14.74
O6 NAG F . -20.18 -8.12 12.80
O7 NAG F . -20.56 -8.86 19.76
#